data_5MI7
#
_entry.id   5MI7
#
_cell.length_a   195.193
_cell.length_b   51.823
_cell.length_c   108.234
_cell.angle_alpha   90.00
_cell.angle_beta   111.61
_cell.angle_gamma   90.00
#
_symmetry.space_group_name_H-M   'C 1 2 1'
#
loop_
_entity.id
_entity.type
_entity.pdbx_description
1 polymer 'O-GlcNAcase BT_4395'
2 non-polymer 'O-(2-ACETAMIDO-2-DEOXY D-GLUCOPYRANOSYLIDENE) AMINO-N-PHENYLCARBAMATE'
3 non-polymer ~{N}-(4-morpholin-4-ylthieno[2,3-d]pyrimidin-2-yl)propanamide
4 non-polymer 'CALCIUM ION'
5 water water
#
_entity_poly.entity_id   1
_entity_poly.type   'polypeptide(L)'
_entity_poly.pdbx_seq_one_letter_code
;MGSSHHHHHHQWNVSLQPPPQQLIVQNKTIDLPAVYQLNGGEEANPHAVKVLKELLSGKQSSKKGMLISIGEKGDKSVRK
YSRQIPDHKEGYYLSVNEKEIVLAGNDERGTYYALQTFAQLLKDGKLPEVEIKDYPSVRYRGVVEGFYGTPWSHQARLSQ
LKFYGKNKMNTYIYGPKDDPYHSAPNWRLPYPDKEAAQLQELVAVANENEVDFVWAIHPGQDIKWNKEDRDLLLAKFEKM
YQLGVRSFAVFFDDISGEGTNPQKQAELLNYIDEKFAQVKPDINQLVMCPTEYNKSWSNPNGNYLTTLGDKLNPSIQIMW
TGDRVISDITRDGISWINERIKRPAYIWWNFPVSDYVRDHLLLGPVYGNDTTIAKEMSGFVTNPMEHAESSKIAIYSVAS
YAWNPAKYDTWQTWKDAIRTILPSAAEELESFAMHNSDLGPNGHGYRREESMDIQPAAERFLKAFKEGKNYDKADFETLQ
YTFERMKESADILLMNTENKPLIVEITPWVHQFKLTAEMGEEVLKMVEGRNESYFLRKYNHVKALQQQMFYIDQTSNQNP
CQPGVKTATRVIKPLIDRTFATVVKFFNQKFNAHLDATTDYMPHKMISNVEQIKNLPLQVKANRVLISPANEVVKWAAGN
SVEIELDAIYPGENIQINFGKDAPSTWGRLEISTDGKEWKTVDLKQKESRLSAGLQKAPVKFVRFTNVSDEEQQVYLRQF
VLTIEKK
;
_entity_poly.pdbx_strand_id   A
#
loop_
_chem_comp.id
_chem_comp.type
_chem_comp.name
_chem_comp.formula
7NT non-polymer ~{N}-(4-morpholin-4-ylthieno[2,3-d]pyrimidin-2-yl)propanamide 'C13 H16 N4 O2 S'
CA non-polymer 'CALCIUM ION' 'Ca 2'
OAN non-polymer 'O-(2-ACETAMIDO-2-DEOXY D-GLUCOPYRANOSYLIDENE) AMINO-N-PHENYLCARBAMATE' 'C15 H19 N3 O7'
#
# COMPACT_ATOMS: atom_id res chain seq x y z
N SER A 15 18.82 -10.42 -11.41
CA SER A 15 17.63 -9.77 -11.96
C SER A 15 17.66 -8.27 -11.70
N LEU A 16 18.05 -7.50 -12.71
CA LEU A 16 18.09 -6.05 -12.60
C LEU A 16 16.69 -5.48 -12.47
N GLN A 17 16.50 -4.60 -11.48
CA GLN A 17 15.22 -3.95 -11.28
C GLN A 17 15.42 -2.44 -11.06
N PRO A 18 14.70 -1.59 -11.82
CA PRO A 18 13.88 -1.92 -12.99
C PRO A 18 14.73 -2.45 -14.15
N PRO A 19 14.13 -3.25 -15.02
CA PRO A 19 14.90 -3.81 -16.15
C PRO A 19 15.31 -2.71 -17.12
N PRO A 20 16.59 -2.66 -17.52
CA PRO A 20 17.03 -1.60 -18.44
C PRO A 20 16.33 -1.66 -19.79
N GLN A 21 16.34 -0.52 -20.49
CA GLN A 21 15.74 -0.45 -21.82
C GLN A 21 16.50 -1.32 -22.81
N GLN A 22 17.84 -1.31 -22.73
CA GLN A 22 18.68 -2.09 -23.63
C GLN A 22 19.82 -2.68 -22.85
N LEU A 23 20.04 -3.97 -23.01
CA LEU A 23 21.02 -4.71 -22.22
C LEU A 23 21.67 -5.76 -23.11
N ILE A 24 23.00 -5.79 -23.12
CA ILE A 24 23.77 -6.79 -23.85
C ILE A 24 24.80 -7.38 -22.89
N VAL A 25 24.70 -8.69 -22.66
CA VAL A 25 25.59 -9.41 -21.75
C VAL A 25 26.47 -10.32 -22.58
N GLN A 26 27.66 -10.64 -22.05
CA GLN A 26 28.66 -11.40 -22.80
C GLN A 26 29.01 -12.73 -22.17
N ASN A 27 28.44 -13.08 -21.03
CA ASN A 27 28.81 -14.31 -20.32
C ASN A 27 30.33 -14.39 -20.16
N LYS A 28 30.82 -13.47 -19.34
CA LYS A 28 32.25 -13.20 -19.25
C LYS A 28 32.49 -12.18 -18.14
N THR A 29 32.97 -12.64 -16.99
CA THR A 29 32.97 -11.82 -15.78
C THR A 29 34.31 -11.12 -15.58
N ILE A 30 34.24 -9.93 -14.99
CA ILE A 30 35.42 -9.12 -14.67
C ILE A 30 35.49 -8.98 -13.15
N ASP A 31 36.72 -8.87 -12.66
CA ASP A 31 36.95 -8.60 -11.24
C ASP A 31 36.95 -7.10 -11.00
N LEU A 32 36.24 -6.67 -9.97
CA LEU A 32 36.27 -5.26 -9.58
C LEU A 32 37.72 -4.83 -9.36
N PRO A 33 38.18 -3.78 -10.02
CA PRO A 33 39.62 -3.48 -10.01
C PRO A 33 40.16 -3.24 -8.60
N ALA A 34 41.09 -4.09 -8.18
CA ALA A 34 41.81 -3.84 -6.94
C ALA A 34 42.56 -2.52 -7.00
N VAL A 35 43.22 -2.27 -8.13
CA VAL A 35 43.84 -0.98 -8.43
C VAL A 35 43.07 -0.36 -9.58
N TYR A 36 42.51 0.82 -9.34
CA TYR A 36 41.70 1.50 -10.34
C TYR A 36 42.19 2.94 -10.49
N GLN A 37 41.67 3.59 -11.53
CA GLN A 37 41.99 4.97 -11.86
C GLN A 37 40.66 5.68 -12.12
N LEU A 38 40.28 6.58 -11.22
CA LEU A 38 38.99 7.23 -11.32
C LEU A 38 39.09 8.49 -12.17
N ASN A 39 38.14 8.65 -13.09
CA ASN A 39 38.11 9.78 -14.01
C ASN A 39 36.76 10.45 -13.90
N GLY A 40 36.74 11.72 -13.51
CA GLY A 40 35.51 12.47 -13.36
C GLY A 40 34.96 12.56 -11.96
N GLY A 41 35.77 12.30 -10.92
CA GLY A 41 35.27 12.37 -9.56
C GLY A 41 34.84 13.76 -9.15
N GLU A 42 35.47 14.79 -9.71
CA GLU A 42 35.12 16.17 -9.41
C GLU A 42 34.05 16.74 -10.33
N GLU A 43 33.84 16.12 -11.49
CA GLU A 43 32.91 16.64 -12.48
C GLU A 43 31.53 16.01 -12.38
N ALA A 44 31.44 14.76 -11.94
CA ALA A 44 30.19 14.02 -11.94
C ALA A 44 29.34 14.34 -10.72
N ASN A 45 28.07 13.95 -10.80
CA ASN A 45 27.12 14.12 -9.71
C ASN A 45 27.75 13.68 -8.39
N PRO A 46 27.88 14.58 -7.40
CA PRO A 46 28.44 14.14 -6.11
C PRO A 46 27.69 12.97 -5.49
N HIS A 47 26.37 12.91 -5.66
CA HIS A 47 25.61 11.79 -5.11
C HIS A 47 26.02 10.48 -5.77
N ALA A 48 26.28 10.51 -7.08
CA ALA A 48 26.72 9.30 -7.76
C ALA A 48 28.13 8.91 -7.32
N VAL A 49 29.04 9.88 -7.23
CA VAL A 49 30.43 9.58 -6.89
C VAL A 49 30.51 8.94 -5.51
N LYS A 50 29.67 9.39 -4.58
CA LYS A 50 29.69 8.83 -3.23
C LYS A 50 29.32 7.35 -3.24
N VAL A 51 28.27 7.00 -3.98
CA VAL A 51 27.91 5.59 -4.15
C VAL A 51 29.08 4.83 -4.74
N LEU A 52 29.74 5.40 -5.75
CA LEU A 52 30.83 4.71 -6.43
C LEU A 52 31.98 4.42 -5.48
N LYS A 53 32.36 5.39 -4.65
CA LYS A 53 33.49 5.22 -3.76
C LYS A 53 33.17 4.32 -2.57
N GLU A 54 31.89 4.18 -2.20
CA GLU A 54 31.53 3.17 -1.22
C GLU A 54 31.80 1.77 -1.77
N LEU A 55 31.40 1.52 -3.02
CA LEU A 55 31.63 0.22 -3.64
C LEU A 55 33.11 -0.07 -3.85
N LEU A 56 33.95 0.96 -3.95
CA LEU A 56 35.37 0.79 -4.26
C LEU A 56 36.26 0.88 -3.02
N SER A 57 35.71 1.17 -1.85
CA SER A 57 36.53 1.28 -0.65
C SER A 57 37.29 -0.03 -0.43
N GLY A 58 38.51 0.10 0.07
CA GLY A 58 39.43 -1.02 0.17
C GLY A 58 40.28 -1.25 -1.06
N LYS A 59 39.81 -0.81 -2.22
CA LYS A 59 40.59 -0.88 -3.45
C LYS A 59 41.39 0.40 -3.60
N GLN A 60 42.54 0.30 -4.27
CA GLN A 60 43.48 1.41 -4.36
C GLN A 60 43.19 2.27 -5.57
N SER A 61 43.25 3.59 -5.37
CA SER A 61 43.08 4.57 -6.43
C SER A 61 44.47 5.04 -6.87
N SER A 62 44.93 4.54 -8.00
CA SER A 62 46.21 4.91 -8.56
C SER A 62 46.00 5.83 -9.77
N LYS A 63 47.02 5.95 -10.61
CA LYS A 63 46.93 6.69 -11.86
C LYS A 63 47.33 5.82 -13.05
N LYS A 64 47.46 4.49 -12.87
CA LYS A 64 47.79 3.60 -13.96
C LYS A 64 47.10 2.25 -13.81
N GLY A 65 45.94 2.21 -13.17
CA GLY A 65 45.16 1.00 -13.03
C GLY A 65 44.07 0.91 -14.08
N MET A 66 43.03 0.14 -13.76
CA MET A 66 41.88 0.06 -14.65
C MET A 66 41.14 1.40 -14.65
N LEU A 67 40.70 1.81 -15.83
CA LEU A 67 40.04 3.10 -15.99
C LEU A 67 38.57 2.99 -15.64
N ILE A 68 38.11 3.85 -14.73
CA ILE A 68 36.70 4.01 -14.41
C ILE A 68 36.35 5.46 -14.69
N SER A 69 35.42 5.67 -15.61
CA SER A 69 35.01 7.01 -16.03
C SER A 69 33.57 7.25 -15.60
N ILE A 70 33.35 8.36 -14.89
CA ILE A 70 32.03 8.75 -14.44
C ILE A 70 31.83 10.22 -14.81
N GLY A 71 30.62 10.55 -15.24
CA GLY A 71 30.32 11.93 -15.58
C GLY A 71 29.00 12.04 -16.30
N GLU A 72 28.56 13.29 -16.43
CA GLU A 72 27.39 13.64 -17.22
C GLU A 72 27.83 14.09 -18.61
N LYS A 73 26.90 14.01 -19.55
CA LYS A 73 27.11 14.60 -20.87
C LYS A 73 27.62 16.03 -20.72
N GLY A 74 28.79 16.30 -21.28
CA GLY A 74 29.43 17.59 -21.17
C GLY A 74 30.72 17.58 -20.35
N ASP A 75 30.79 16.71 -19.34
CA ASP A 75 32.02 16.59 -18.57
C ASP A 75 33.15 16.02 -19.42
N LYS A 76 34.37 16.50 -19.19
CA LYS A 76 35.52 15.98 -19.92
C LYS A 76 35.64 14.48 -19.81
N SER A 77 35.22 13.92 -18.67
CA SER A 77 35.53 12.52 -18.36
C SER A 77 34.82 11.55 -19.31
N VAL A 78 33.68 11.95 -19.86
CA VAL A 78 32.89 11.05 -20.71
C VAL A 78 32.76 11.61 -22.13
N ARG A 79 33.70 12.46 -22.55
CA ARG A 79 33.68 12.99 -23.92
C ARG A 79 33.73 11.87 -24.94
N LYS A 80 34.57 10.86 -24.71
CA LYS A 80 34.75 9.78 -25.66
C LYS A 80 33.46 8.98 -25.88
N TYR A 81 32.51 9.04 -24.94
CA TYR A 81 31.31 8.21 -24.99
C TYR A 81 30.04 9.03 -25.23
N SER A 82 30.18 10.28 -25.68
CA SER A 82 29.03 11.12 -25.98
C SER A 82 27.98 10.40 -26.81
N ARG A 83 28.41 9.68 -27.85
CA ARG A 83 27.45 9.08 -28.77
C ARG A 83 26.67 7.93 -28.13
N GLN A 84 27.18 7.35 -27.04
CA GLN A 84 26.52 6.22 -26.40
C GLN A 84 25.45 6.64 -25.40
N ILE A 85 25.50 7.88 -24.90
CA ILE A 85 24.58 8.33 -23.86
C ILE A 85 23.21 8.61 -24.49
N PRO A 86 22.14 7.95 -24.04
CA PRO A 86 20.83 8.21 -24.65
C PRO A 86 20.38 9.64 -24.40
N ASP A 87 19.65 10.18 -25.38
CA ASP A 87 19.17 11.56 -25.31
C ASP A 87 17.75 11.56 -24.72
N HIS A 88 17.69 11.18 -23.44
CA HIS A 88 16.45 11.18 -22.68
C HIS A 88 16.73 11.71 -21.29
N LYS A 89 15.75 12.43 -20.73
CA LYS A 89 15.82 12.80 -19.32
C LYS A 89 16.13 11.58 -18.47
N GLU A 90 17.09 11.71 -17.56
CA GLU A 90 17.45 10.67 -16.61
C GLU A 90 18.00 9.41 -17.30
N GLY A 91 18.40 9.51 -18.56
CA GLY A 91 19.03 8.40 -19.22
C GLY A 91 20.50 8.25 -18.83
N TYR A 92 21.07 7.12 -19.20
CA TYR A 92 22.47 6.87 -18.89
C TYR A 92 23.01 5.75 -19.78
N TYR A 93 24.33 5.59 -19.74
CA TYR A 93 25.06 4.57 -20.48
C TYR A 93 26.01 3.90 -19.51
N LEU A 94 25.96 2.58 -19.44
CA LEU A 94 26.81 1.80 -18.56
C LEU A 94 27.58 0.79 -19.39
N SER A 95 28.87 0.67 -19.13
CA SER A 95 29.72 -0.26 -19.86
C SER A 95 30.74 -0.87 -18.91
N VAL A 96 30.89 -2.19 -18.98
CA VAL A 96 31.93 -2.92 -18.26
C VAL A 96 32.57 -3.89 -19.24
N ASN A 97 33.89 -3.89 -19.31
CA ASN A 97 34.61 -4.86 -20.13
C ASN A 97 36.01 -5.05 -19.56
N GLU A 98 36.87 -5.73 -20.32
CA GLU A 98 38.20 -6.08 -19.87
C GLU A 98 38.95 -4.86 -19.33
N LYS A 99 38.94 -3.75 -20.08
CA LYS A 99 39.89 -2.67 -19.85
C LYS A 99 39.32 -1.47 -19.11
N GLU A 100 38.01 -1.24 -19.16
CA GLU A 100 37.47 0.01 -18.63
C GLU A 100 36.04 -0.19 -18.13
N ILE A 101 35.58 0.79 -17.35
CA ILE A 101 34.19 0.91 -16.91
C ILE A 101 33.73 2.33 -17.18
N VAL A 102 32.51 2.48 -17.70
CA VAL A 102 31.96 3.77 -18.07
C VAL A 102 30.59 3.92 -17.42
N LEU A 103 30.41 4.98 -16.64
CA LEU A 103 29.14 5.33 -16.00
C LEU A 103 28.82 6.76 -16.40
N ALA A 104 27.94 6.94 -17.39
CA ALA A 104 27.74 8.23 -18.02
C ALA A 104 26.26 8.53 -18.15
N GLY A 105 25.79 9.55 -17.43
CA GLY A 105 24.41 9.96 -17.52
C GLY A 105 24.20 11.07 -18.53
N ASN A 106 22.99 11.13 -19.09
CA ASN A 106 22.60 12.29 -19.88
C ASN A 106 22.54 13.54 -19.02
N ASP A 107 22.16 13.39 -17.76
CA ASP A 107 22.13 14.47 -16.79
C ASP A 107 22.55 13.89 -15.44
N GLU A 108 22.65 14.75 -14.43
CA GLU A 108 23.17 14.30 -13.13
C GLU A 108 22.34 13.15 -12.56
N ARG A 109 21.02 13.19 -12.71
CA ARG A 109 20.21 12.11 -12.19
C ARG A 109 20.44 10.82 -12.97
N GLY A 110 20.75 10.94 -14.27
CA GLY A 110 21.10 9.76 -15.04
C GLY A 110 22.35 9.08 -14.51
N THR A 111 23.35 9.88 -14.10
CA THR A 111 24.57 9.30 -13.54
C THR A 111 24.29 8.57 -12.23
N TYR A 112 23.42 9.15 -11.39
CA TYR A 112 23.03 8.46 -10.16
C TYR A 112 22.38 7.12 -10.48
N TYR A 113 21.41 7.13 -11.40
CA TYR A 113 20.73 5.89 -11.78
C TYR A 113 21.68 4.90 -12.44
N ALA A 114 22.74 5.39 -13.10
CA ALA A 114 23.74 4.47 -13.63
C ALA A 114 24.42 3.70 -12.51
N LEU A 115 24.67 4.36 -11.38
CA LEU A 115 25.32 3.69 -10.26
C LEU A 115 24.36 2.74 -9.54
N GLN A 116 23.07 3.02 -9.53
CA GLN A 116 22.13 2.11 -8.89
C GLN A 116 22.02 0.80 -9.66
N THR A 117 22.16 0.85 -10.98
CA THR A 117 22.26 -0.37 -11.77
C THR A 117 23.62 -1.03 -11.57
N PHE A 118 24.69 -0.23 -11.59
CA PHE A 118 26.02 -0.76 -11.34
C PHE A 118 26.07 -1.55 -10.03
N ALA A 119 25.38 -1.06 -9.00
CA ALA A 119 25.42 -1.71 -7.70
C ALA A 119 24.78 -3.10 -7.73
N GLN A 120 23.74 -3.29 -8.56
CA GLN A 120 23.11 -4.60 -8.65
C GLN A 120 23.98 -5.59 -9.43
N LEU A 121 24.74 -5.11 -10.41
CA LEU A 121 25.60 -6.01 -11.18
C LEU A 121 26.74 -6.56 -10.33
N LEU A 122 27.21 -5.79 -9.35
CA LEU A 122 28.35 -6.20 -8.54
C LEU A 122 27.91 -7.28 -7.56
N LYS A 123 28.50 -8.47 -7.67
CA LYS A 123 28.15 -9.59 -6.81
C LYS A 123 29.37 -10.47 -6.61
N ASP A 124 29.70 -10.75 -5.35
CA ASP A 124 30.90 -11.53 -4.99
C ASP A 124 32.17 -10.85 -5.48
N GLY A 125 32.13 -9.53 -5.65
CA GLY A 125 33.26 -8.79 -6.13
C GLY A 125 33.49 -8.88 -7.62
N LYS A 126 32.69 -9.64 -8.34
CA LYS A 126 32.82 -9.79 -9.78
C LYS A 126 31.74 -8.99 -10.50
N LEU A 127 32.02 -8.65 -11.75
CA LEU A 127 31.09 -7.93 -12.60
C LEU A 127 30.96 -8.68 -13.92
N PRO A 128 29.79 -8.62 -14.57
CA PRO A 128 29.67 -9.18 -15.91
C PRO A 128 30.00 -8.16 -16.98
N GLU A 129 30.73 -8.61 -18.00
CA GLU A 129 30.97 -7.78 -19.17
C GLU A 129 29.63 -7.45 -19.81
N VAL A 130 29.25 -6.16 -19.78
CA VAL A 130 27.88 -5.76 -20.13
C VAL A 130 27.92 -4.37 -20.74
N GLU A 131 26.90 -4.07 -21.55
CA GLU A 131 26.67 -2.74 -22.06
C GLU A 131 25.19 -2.42 -21.94
N ILE A 132 24.87 -1.28 -21.34
CA ILE A 132 23.48 -0.90 -21.06
C ILE A 132 23.24 0.52 -21.54
N LYS A 133 22.10 0.72 -22.20
CA LYS A 133 21.56 2.04 -22.50
C LYS A 133 20.13 2.07 -21.97
N ASP A 134 19.84 3.04 -21.10
CA ASP A 134 18.67 2.95 -20.25
C ASP A 134 18.09 4.33 -20.00
N TYR A 135 16.79 4.37 -19.70
CA TYR A 135 16.06 5.60 -19.45
C TYR A 135 14.60 5.25 -19.13
N PRO A 136 13.86 6.13 -18.48
CA PRO A 136 12.50 5.79 -18.06
C PRO A 136 11.46 6.06 -19.13
N SER A 137 10.44 5.21 -19.16
CA SER A 137 9.31 5.41 -20.06
C SER A 137 8.29 6.40 -19.52
N VAL A 138 8.26 6.60 -18.20
CA VAL A 138 7.36 7.56 -17.57
C VAL A 138 8.23 8.60 -16.87
N ARG A 139 7.86 9.88 -17.02
CA ARG A 139 8.76 10.94 -16.57
C ARG A 139 8.79 11.04 -15.04
N TYR A 140 7.64 10.99 -14.39
CA TYR A 140 7.55 11.08 -12.93
C TYR A 140 7.03 9.75 -12.39
N ARG A 141 7.80 9.15 -11.48
CA ARG A 141 7.50 7.84 -10.93
C ARG A 141 7.77 7.85 -9.43
N GLY A 142 6.80 7.42 -8.64
CA GLY A 142 7.02 7.37 -7.21
C GLY A 142 5.82 7.06 -6.33
N VAL A 143 5.76 7.74 -5.18
CA VAL A 143 4.80 7.45 -4.13
C VAL A 143 4.11 8.74 -3.71
N VAL A 144 2.81 8.65 -3.45
CA VAL A 144 2.07 9.71 -2.79
C VAL A 144 1.56 9.16 -1.47
N GLU A 145 2.04 9.74 -0.36
CA GLU A 145 1.50 9.44 0.96
C GLU A 145 0.25 10.29 1.13
N GLY A 146 -0.87 9.76 0.62
CA GLY A 146 -2.11 10.51 0.61
C GLY A 146 -3.29 9.77 1.22
N PHE A 147 -3.00 8.85 2.13
CA PHE A 147 -4.03 8.01 2.74
C PHE A 147 -4.59 8.64 4.02
N TYR A 148 -5.75 8.15 4.42
CA TYR A 148 -6.31 8.44 5.73
C TYR A 148 -5.76 7.47 6.77
N GLY A 149 -5.45 7.98 7.96
CA GLY A 149 -4.95 7.19 9.06
C GLY A 149 -3.65 7.74 9.58
N THR A 150 -2.96 6.93 10.38
CA THR A 150 -1.73 7.35 11.04
C THR A 150 -0.67 7.67 9.99
N PRO A 151 -0.27 8.93 9.82
CA PRO A 151 0.78 9.23 8.85
C PRO A 151 2.05 8.45 9.16
N TRP A 152 2.83 8.19 8.11
CA TRP A 152 4.12 7.53 8.28
C TRP A 152 4.98 8.28 9.28
N SER A 153 5.65 7.51 10.15
CA SER A 153 6.60 8.10 11.09
C SER A 153 7.78 8.71 10.34
N HIS A 154 8.54 9.55 11.05
CA HIS A 154 9.72 10.17 10.48
C HIS A 154 10.74 9.12 10.04
N GLN A 155 10.98 8.11 10.88
CA GLN A 155 11.95 7.07 10.52
C GLN A 155 11.50 6.29 9.30
N ALA A 156 10.21 5.96 9.23
CA ALA A 156 9.69 5.26 8.07
C ALA A 156 9.94 6.06 6.80
N ARG A 157 9.72 7.38 6.85
CA ARG A 157 9.90 8.20 5.65
C ARG A 157 11.36 8.26 5.22
N LEU A 158 12.28 8.36 6.19
CA LEU A 158 13.70 8.33 5.85
C LEU A 158 14.05 7.04 5.14
N SER A 159 13.50 5.93 5.60
CA SER A 159 13.76 4.63 4.98
C SER A 159 13.15 4.56 3.58
N GLN A 160 11.94 5.10 3.41
CA GLN A 160 11.31 5.12 2.11
C GLN A 160 12.17 5.86 1.08
N LEU A 161 12.70 7.02 1.46
CA LEU A 161 13.42 7.85 0.49
C LEU A 161 14.69 7.15 -0.01
N LYS A 162 15.37 6.41 0.86
CA LYS A 162 16.49 5.61 0.40
C LYS A 162 16.02 4.50 -0.53
N PHE A 163 14.85 3.94 -0.25
CA PHE A 163 14.30 2.87 -1.09
C PHE A 163 13.97 3.39 -2.48
N TYR A 164 13.42 4.60 -2.58
CA TYR A 164 13.08 5.13 -3.90
C TYR A 164 14.32 5.35 -4.74
N GLY A 165 15.38 5.89 -4.15
CA GLY A 165 16.59 6.15 -4.90
C GLY A 165 17.17 4.89 -5.52
N LYS A 166 17.14 3.78 -4.77
CA LYS A 166 17.68 2.53 -5.28
C LYS A 166 16.86 1.98 -6.44
N ASN A 167 15.57 2.32 -6.49
CA ASN A 167 14.67 1.83 -7.52
C ASN A 167 14.29 2.89 -8.54
N LYS A 168 15.00 4.02 -8.57
CA LYS A 168 14.87 5.03 -9.62
C LYS A 168 13.50 5.70 -9.60
N MET A 169 12.88 5.79 -8.43
CA MET A 169 11.67 6.58 -8.26
C MET A 169 12.06 8.02 -7.93
N ASN A 170 11.54 8.98 -8.70
CA ASN A 170 12.00 10.36 -8.59
C ASN A 170 10.97 11.28 -7.93
N THR A 171 9.91 10.72 -7.33
CA THR A 171 8.82 11.54 -6.81
C THR A 171 8.32 10.98 -5.48
N TYR A 172 8.28 11.84 -4.48
CA TYR A 172 7.59 11.57 -3.21
C TYR A 172 6.65 12.75 -2.97
N ILE A 173 5.34 12.49 -3.04
CA ILE A 173 4.33 13.52 -2.80
C ILE A 173 3.82 13.35 -1.37
N TYR A 174 4.07 14.34 -0.53
CA TYR A 174 3.68 14.32 0.87
C TYR A 174 2.27 14.91 1.00
N GLY A 175 1.30 14.10 1.42
CA GLY A 175 -0.03 14.59 1.64
C GLY A 175 -0.90 13.73 2.56
N PRO A 176 -0.41 13.39 3.76
CA PRO A 176 -1.25 12.62 4.69
C PRO A 176 -2.52 13.38 5.03
N LYS A 177 -3.66 12.74 4.78
CA LYS A 177 -4.95 13.37 5.03
C LYS A 177 -5.09 13.84 6.48
N ASP A 178 -4.44 13.16 7.41
CA ASP A 178 -4.60 13.44 8.84
C ASP A 178 -3.48 14.32 9.39
N ASP A 179 -2.70 14.96 8.52
CA ASP A 179 -1.72 15.95 8.95
C ASP A 179 -2.43 17.30 9.05
N PRO A 180 -2.58 17.88 10.24
CA PRO A 180 -3.39 19.11 10.36
C PRO A 180 -2.78 20.33 9.68
N TYR A 181 -1.47 20.38 9.47
CA TYR A 181 -0.84 21.47 8.74
C TYR A 181 -0.82 21.23 7.23
N HIS A 182 -1.28 20.06 6.79
CA HIS A 182 -1.51 19.78 5.37
C HIS A 182 -2.96 20.04 4.96
N SER A 183 -3.91 19.78 5.86
CA SER A 183 -5.33 19.88 5.53
C SER A 183 -6.07 20.72 6.54
N ALA A 184 -7.37 20.49 6.68
CA ALA A 184 -8.19 21.25 7.63
C ALA A 184 -7.70 21.08 9.06
N PRO A 185 -7.70 22.16 9.86
CA PRO A 185 -7.96 23.57 9.55
C PRO A 185 -6.68 24.40 9.50
N ASN A 186 -5.55 23.79 9.89
CA ASN A 186 -4.31 24.53 10.09
C ASN A 186 -3.40 24.51 8.86
N TRP A 187 -3.95 24.32 7.66
CA TRP A 187 -3.10 24.45 6.48
C TRP A 187 -2.61 25.88 6.28
N ARG A 188 -3.22 26.85 6.95
CA ARG A 188 -2.76 28.24 6.93
C ARG A 188 -1.56 28.47 7.84
N LEU A 189 -1.26 27.52 8.76
CA LEU A 189 -0.21 27.72 9.76
C LEU A 189 1.10 27.09 9.32
N PRO A 190 2.25 27.72 9.60
CA PRO A 190 3.52 27.03 9.39
C PRO A 190 3.65 25.86 10.35
N TYR A 191 4.43 24.86 9.95
CA TYR A 191 4.70 23.75 10.84
C TYR A 191 5.41 24.24 12.10
N PRO A 192 5.14 23.62 13.26
CA PRO A 192 5.93 23.94 14.45
C PRO A 192 7.41 23.62 14.22
N ASP A 193 8.25 24.19 15.07
CA ASP A 193 9.70 24.06 14.89
C ASP A 193 10.13 22.60 14.74
N LYS A 194 9.57 21.71 15.56
CA LYS A 194 10.01 20.33 15.55
C LYS A 194 9.61 19.64 14.25
N GLU A 195 8.35 19.77 13.84
CA GLU A 195 7.93 19.20 12.57
C GLU A 195 8.65 19.86 11.40
N ALA A 196 8.99 21.15 11.52
CA ALA A 196 9.69 21.84 10.45
C ALA A 196 11.11 21.31 10.29
N ALA A 197 11.80 21.06 11.40
CA ALA A 197 13.16 20.54 11.30
C ALA A 197 13.17 19.13 10.71
N GLN A 198 12.12 18.33 10.96
CA GLN A 198 12.04 17.00 10.36
C GLN A 198 11.81 17.10 8.86
N LEU A 199 10.85 17.93 8.44
CA LEU A 199 10.62 18.13 7.01
C LEU A 199 11.89 18.62 6.32
N GLN A 200 12.64 19.50 6.98
CA GLN A 200 13.92 19.94 6.44
C GLN A 200 14.86 18.77 6.23
N GLU A 201 14.88 17.81 7.16
CA GLU A 201 15.75 16.66 7.01
C GLU A 201 15.27 15.75 5.89
N LEU A 202 13.95 15.53 5.79
CA LEU A 202 13.41 14.74 4.69
C LEU A 202 13.82 15.31 3.34
N VAL A 203 13.77 16.63 3.19
CA VAL A 203 14.13 17.26 1.91
C VAL A 203 15.60 17.02 1.61
N ALA A 204 16.46 17.20 2.60
CA ALA A 204 17.89 16.96 2.39
C ALA A 204 18.14 15.51 1.99
N VAL A 205 17.45 14.57 2.66
CA VAL A 205 17.64 13.16 2.35
C VAL A 205 17.06 12.84 0.98
N ALA A 206 15.91 13.40 0.64
CA ALA A 206 15.34 13.20 -0.69
C ALA A 206 16.29 13.70 -1.77
N ASN A 207 16.90 14.87 -1.56
CA ASN A 207 17.88 15.36 -2.52
C ASN A 207 19.05 14.40 -2.66
N GLU A 208 19.50 13.82 -1.54
CA GLU A 208 20.64 12.90 -1.58
C GLU A 208 20.32 11.65 -2.40
N ASN A 209 19.04 11.29 -2.50
CA ASN A 209 18.61 10.12 -3.25
C ASN A 209 17.93 10.50 -4.56
N GLU A 210 18.07 11.74 -5.01
CA GLU A 210 17.55 12.21 -6.30
C GLU A 210 16.03 12.09 -6.38
N VAL A 211 15.35 12.30 -5.25
CA VAL A 211 13.88 12.26 -5.19
C VAL A 211 13.37 13.68 -5.06
N ASP A 212 12.41 14.05 -5.91
CA ASP A 212 11.71 15.32 -5.76
C ASP A 212 10.72 15.22 -4.62
N PHE A 213 10.96 15.97 -3.54
CA PHE A 213 10.01 16.08 -2.44
C PHE A 213 8.92 17.07 -2.85
N VAL A 214 7.72 16.57 -3.08
CA VAL A 214 6.56 17.39 -3.42
C VAL A 214 5.72 17.56 -2.16
N TRP A 215 5.61 18.79 -1.67
CA TRP A 215 4.74 19.07 -0.53
C TRP A 215 3.37 19.50 -1.05
N ALA A 216 2.34 18.78 -0.65
CA ALA A 216 0.98 19.09 -1.08
C ALA A 216 0.21 19.77 0.05
N ILE A 217 -0.84 20.49 -0.35
CA ILE A 217 -1.71 21.21 0.57
C ILE A 217 -3.15 20.89 0.19
N HIS A 218 -4.02 20.76 1.19
CA HIS A 218 -5.39 20.29 1.01
C HIS A 218 -6.31 21.31 1.66
N PRO A 219 -6.56 22.45 1.01
CA PRO A 219 -7.27 23.56 1.64
C PRO A 219 -8.73 23.72 1.24
N GLY A 220 -9.25 22.87 0.35
CA GLY A 220 -10.49 23.19 -0.36
C GLY A 220 -11.74 23.11 0.48
N GLN A 221 -11.70 22.45 1.63
CA GLN A 221 -12.92 22.29 2.41
C GLN A 221 -13.39 23.61 3.00
N ASP A 222 -12.46 24.47 3.44
CA ASP A 222 -12.82 25.75 4.04
C ASP A 222 -12.07 26.91 3.38
N ILE A 223 -11.59 26.74 2.14
CA ILE A 223 -10.94 27.83 1.45
C ILE A 223 -11.97 28.89 1.07
N LYS A 224 -11.60 30.15 1.21
CA LYS A 224 -12.41 31.26 0.72
C LYS A 224 -11.73 31.85 -0.51
N TRP A 225 -12.51 32.11 -1.55
CA TRP A 225 -11.97 32.65 -2.80
C TRP A 225 -11.83 34.17 -2.68
N ASN A 226 -10.92 34.57 -1.80
CA ASN A 226 -10.63 35.98 -1.56
C ASN A 226 -9.12 36.16 -1.47
N LYS A 227 -8.69 37.41 -1.28
CA LYS A 227 -7.26 37.71 -1.22
C LYS A 227 -6.62 37.13 0.02
N GLU A 228 -7.35 37.05 1.13
CA GLU A 228 -6.77 36.61 2.40
C GLU A 228 -6.22 35.19 2.29
N ASP A 229 -7.08 34.23 1.94
CA ASP A 229 -6.63 32.83 1.89
C ASP A 229 -5.62 32.60 0.77
N ARG A 230 -5.81 33.27 -0.37
CA ARG A 230 -4.82 33.17 -1.45
C ARG A 230 -3.43 33.55 -0.94
N ASP A 231 -3.33 34.68 -0.24
CA ASP A 231 -2.04 35.11 0.28
C ASP A 231 -1.52 34.17 1.34
N LEU A 232 -2.41 33.58 2.15
CA LEU A 232 -1.95 32.65 3.18
C LEU A 232 -1.45 31.35 2.56
N LEU A 233 -2.10 30.86 1.51
CA LEU A 233 -1.59 29.68 0.80
C LEU A 233 -0.19 29.93 0.26
N LEU A 234 0.04 31.11 -0.34
CA LEU A 234 1.37 31.41 -0.87
C LEU A 234 2.39 31.59 0.25
N ALA A 235 1.98 32.23 1.36
CA ALA A 235 2.89 32.34 2.50
C ALA A 235 3.27 30.97 3.03
N LYS A 236 2.32 30.04 3.10
CA LYS A 236 2.66 28.68 3.51
C LYS A 236 3.65 28.04 2.54
N PHE A 237 3.37 28.16 1.23
CA PHE A 237 4.31 27.66 0.23
C PHE A 237 5.68 28.30 0.39
N GLU A 238 5.73 29.59 0.73
CA GLU A 238 7.02 30.26 0.89
C GLU A 238 7.79 29.69 2.07
N LYS A 239 7.10 29.43 3.19
CA LYS A 239 7.78 28.84 4.34
C LYS A 239 8.27 27.43 4.02
N MET A 240 7.46 26.62 3.34
CA MET A 240 7.96 25.33 2.88
C MET A 240 9.17 25.49 1.97
N TYR A 241 9.14 26.49 1.09
CA TYR A 241 10.31 26.77 0.24
C TYR A 241 11.54 27.04 1.09
N GLN A 242 11.37 27.79 2.18
CA GLN A 242 12.50 28.09 3.05
C GLN A 242 13.05 26.83 3.70
N LEU A 243 12.22 25.80 3.88
CA LEU A 243 12.67 24.53 4.40
C LEU A 243 13.30 23.63 3.34
N GLY A 244 13.36 24.08 2.08
CA GLY A 244 14.02 23.35 1.02
C GLY A 244 13.10 22.77 -0.03
N VAL A 245 11.78 22.83 0.16
CA VAL A 245 10.85 22.24 -0.79
C VAL A 245 10.96 22.97 -2.13
N ARG A 246 11.03 22.19 -3.21
CA ARG A 246 11.08 22.76 -4.56
C ARG A 246 10.00 22.22 -5.48
N SER A 247 9.09 21.39 -4.99
CA SER A 247 7.93 20.95 -5.74
C SER A 247 6.71 21.02 -4.85
N PHE A 248 5.56 21.36 -5.46
CA PHE A 248 4.36 21.70 -4.71
C PHE A 248 3.13 21.15 -5.39
N ALA A 249 2.11 20.83 -4.59
CA ALA A 249 0.85 20.33 -5.11
C ALA A 249 -0.31 20.90 -4.31
N VAL A 250 -1.47 20.99 -4.96
CA VAL A 250 -2.70 21.44 -4.33
C VAL A 250 -3.76 20.38 -4.60
N PHE A 251 -4.26 19.75 -3.54
CA PHE A 251 -5.27 18.70 -3.64
C PHE A 251 -6.66 19.29 -3.37
N PHE A 252 -7.61 19.00 -4.27
CA PHE A 252 -9.00 19.39 -4.09
C PHE A 252 -9.93 18.17 -4.05
N ASP A 253 -9.41 17.03 -3.62
CA ASP A 253 -10.20 15.81 -3.54
C ASP A 253 -10.92 15.72 -2.20
N ASP A 254 -12.05 14.99 -2.20
CA ASP A 254 -12.77 14.68 -0.97
C ASP A 254 -13.22 15.93 -0.24
N ILE A 255 -13.84 16.86 -0.98
CA ILE A 255 -14.36 18.09 -0.41
C ILE A 255 -15.71 18.40 -1.03
N SER A 256 -16.45 19.31 -0.38
CA SER A 256 -17.70 19.81 -0.89
C SER A 256 -17.73 21.32 -0.71
N GLY A 257 -18.72 21.96 -1.33
CA GLY A 257 -18.89 23.39 -1.18
C GLY A 257 -18.16 24.21 -2.23
N GLU A 258 -17.85 25.46 -1.88
CA GLU A 258 -17.28 26.40 -2.85
C GLU A 258 -15.89 26.02 -3.30
N GLY A 259 -15.16 25.21 -2.52
CA GLY A 259 -13.84 24.78 -2.95
C GLY A 259 -13.84 23.94 -4.22
N THR A 260 -15.00 23.44 -4.64
CA THR A 260 -15.12 22.56 -5.79
C THR A 260 -15.25 23.32 -7.11
N ASN A 261 -15.06 24.63 -7.10
CA ASN A 261 -15.28 25.44 -8.30
C ASN A 261 -14.11 25.27 -9.26
N PRO A 262 -14.32 24.70 -10.46
CA PRO A 262 -13.18 24.50 -11.37
C PRO A 262 -12.55 25.79 -11.84
N GLN A 263 -13.35 26.80 -12.16
CA GLN A 263 -12.79 28.08 -12.59
C GLN A 263 -11.89 28.67 -11.51
N LYS A 264 -12.31 28.56 -10.24
CA LYS A 264 -11.53 29.13 -9.15
C LYS A 264 -10.26 28.32 -8.90
N GLN A 265 -10.36 26.99 -8.94
CA GLN A 265 -9.19 26.15 -8.72
C GLN A 265 -8.11 26.47 -9.75
N ALA A 266 -8.49 26.52 -11.03
CA ALA A 266 -7.53 26.79 -12.09
C ALA A 266 -6.86 28.14 -11.89
N GLU A 267 -7.65 29.18 -11.63
CA GLU A 267 -7.08 30.51 -11.41
C GLU A 267 -6.07 30.50 -10.26
N LEU A 268 -6.41 29.82 -9.16
CA LEU A 268 -5.49 29.76 -8.03
C LEU A 268 -4.17 29.09 -8.41
N LEU A 269 -4.24 27.98 -9.15
CA LEU A 269 -3.02 27.29 -9.53
C LEU A 269 -2.25 28.04 -10.60
N ASN A 270 -2.94 28.76 -11.49
CA ASN A 270 -2.25 29.63 -12.43
C ASN A 270 -1.63 30.83 -11.71
N TYR A 271 -2.28 31.33 -10.66
CA TYR A 271 -1.68 32.38 -9.85
C TYR A 271 -0.42 31.87 -9.14
N ILE A 272 -0.48 30.65 -8.63
CA ILE A 272 0.71 30.04 -8.03
C ILE A 272 1.80 29.89 -9.07
N ASP A 273 1.45 29.43 -10.26
CA ASP A 273 2.43 29.26 -11.32
C ASP A 273 3.14 30.58 -11.60
N GLU A 274 2.38 31.64 -11.87
CA GLU A 274 2.96 32.88 -12.38
C GLU A 274 3.63 33.70 -11.28
N LYS A 275 3.07 33.72 -10.08
CA LYS A 275 3.62 34.56 -9.01
C LYS A 275 4.58 33.81 -8.09
N PHE A 276 4.78 32.51 -8.29
CA PHE A 276 5.62 31.73 -7.39
C PHE A 276 6.53 30.78 -8.16
N ALA A 277 5.94 29.80 -8.85
CA ALA A 277 6.73 28.81 -9.57
C ALA A 277 7.55 29.43 -10.70
N GLN A 278 7.06 30.52 -11.30
CA GLN A 278 7.78 31.24 -12.35
C GLN A 278 8.71 32.31 -11.80
N VAL A 279 8.59 32.65 -10.52
CA VAL A 279 9.43 33.68 -9.92
C VAL A 279 10.67 33.07 -9.28
N LYS A 280 10.59 31.83 -8.82
CA LYS A 280 11.73 31.16 -8.22
C LYS A 280 12.63 30.60 -9.30
N PRO A 281 13.91 30.35 -8.98
CA PRO A 281 14.84 29.84 -9.99
C PRO A 281 14.92 28.33 -10.13
N ASP A 282 14.24 27.57 -9.26
CA ASP A 282 14.60 26.16 -9.10
C ASP A 282 13.39 25.33 -8.64
N ILE A 283 12.19 25.67 -9.12
CA ILE A 283 10.99 24.90 -8.82
C ILE A 283 10.74 23.92 -9.97
N ASN A 284 10.37 22.69 -9.61
CA ASN A 284 10.25 21.62 -10.59
C ASN A 284 8.79 21.26 -10.86
N GLN A 285 8.18 20.43 -10.01
CA GLN A 285 6.83 19.95 -10.25
C GLN A 285 5.80 20.86 -9.61
N LEU A 286 4.74 21.15 -10.35
CA LEU A 286 3.55 21.79 -9.82
C LEU A 286 2.34 20.95 -10.22
N VAL A 287 1.65 20.40 -9.24
CA VAL A 287 0.64 19.37 -9.45
C VAL A 287 -0.65 19.77 -8.74
N MET A 288 -1.79 19.38 -9.32
CA MET A 288 -3.07 19.55 -8.68
C MET A 288 -3.89 18.28 -8.79
N CYS A 289 -4.67 17.98 -7.76
CA CYS A 289 -5.59 16.85 -7.77
C CYS A 289 -7.01 17.38 -7.90
N PRO A 290 -7.76 17.02 -8.94
CA PRO A 290 -9.10 17.61 -9.12
C PRO A 290 -10.09 17.05 -8.13
N THR A 291 -11.20 17.78 -7.97
CA THR A 291 -12.29 17.29 -7.14
C THR A 291 -12.96 16.07 -7.77
N GLU A 292 -13.11 16.08 -9.10
CA GLU A 292 -13.56 14.92 -9.86
C GLU A 292 -12.30 14.22 -10.38
N TYR A 293 -11.87 13.18 -9.67
CA TYR A 293 -10.60 12.51 -9.94
C TYR A 293 -10.76 11.09 -10.45
N ASN A 294 -11.98 10.67 -10.81
CA ASN A 294 -12.18 9.38 -11.45
C ASN A 294 -13.43 9.47 -12.32
N LYS A 295 -13.53 8.55 -13.28
CA LYS A 295 -14.58 8.62 -14.28
C LYS A 295 -15.95 8.46 -13.64
N SER A 296 -16.09 7.46 -12.76
CA SER A 296 -17.40 7.14 -12.19
C SER A 296 -18.03 8.34 -11.48
N TRP A 297 -17.21 9.17 -10.83
CA TRP A 297 -17.72 10.28 -10.03
C TRP A 297 -17.69 11.62 -10.76
N SER A 298 -17.28 11.64 -12.02
CA SER A 298 -17.31 12.89 -12.78
C SER A 298 -18.75 13.22 -13.18
N ASN A 299 -18.97 14.48 -13.55
CA ASN A 299 -20.31 14.96 -13.87
C ASN A 299 -20.58 14.77 -15.36
N PRO A 300 -21.56 13.95 -15.75
CA PRO A 300 -21.88 13.88 -17.18
C PRO A 300 -22.54 15.14 -17.71
N ASN A 301 -23.46 15.72 -16.93
CA ASN A 301 -24.10 16.97 -17.33
C ASN A 301 -23.11 18.12 -17.29
N GLY A 302 -22.47 18.32 -16.13
CA GLY A 302 -21.54 19.41 -15.95
C GLY A 302 -20.33 19.34 -16.84
N ASN A 303 -19.41 20.28 -16.65
CA ASN A 303 -18.21 20.38 -17.48
C ASN A 303 -17.01 20.74 -16.59
N TYR A 304 -16.85 19.99 -15.49
CA TYR A 304 -15.76 20.27 -14.57
C TYR A 304 -14.40 20.02 -15.20
N LEU A 305 -14.21 18.83 -15.78
CA LEU A 305 -12.89 18.47 -16.28
C LEU A 305 -12.50 19.30 -17.49
N THR A 306 -13.46 19.57 -18.39
CA THR A 306 -13.14 20.39 -19.56
C THR A 306 -12.77 21.82 -19.18
N THR A 307 -13.38 22.35 -18.11
CA THR A 307 -12.99 23.66 -17.62
C THR A 307 -11.54 23.64 -17.14
N LEU A 308 -11.18 22.65 -16.31
CA LEU A 308 -9.80 22.55 -15.87
C LEU A 308 -8.84 22.41 -17.04
N GLY A 309 -9.19 21.57 -18.01
CA GLY A 309 -8.30 21.33 -19.14
C GLY A 309 -8.02 22.58 -19.94
N ASP A 310 -9.00 23.47 -20.06
CA ASP A 310 -8.84 24.68 -20.86
C ASP A 310 -8.20 25.82 -20.09
N LYS A 311 -8.47 25.94 -18.79
CA LYS A 311 -7.98 27.07 -18.01
C LYS A 311 -6.60 26.83 -17.41
N LEU A 312 -6.32 25.61 -16.93
CA LEU A 312 -5.04 25.35 -16.28
C LEU A 312 -3.89 25.52 -17.25
N ASN A 313 -2.86 26.25 -16.82
CA ASN A 313 -1.65 26.43 -17.63
C ASN A 313 -1.13 25.06 -18.05
N PRO A 314 -0.44 24.98 -19.19
CA PRO A 314 -0.11 23.64 -19.72
C PRO A 314 0.95 22.92 -18.91
N SER A 315 1.82 23.64 -18.21
CA SER A 315 2.87 23.01 -17.42
C SER A 315 2.35 22.35 -16.15
N ILE A 316 1.11 22.62 -15.75
CA ILE A 316 0.58 22.11 -14.47
C ILE A 316 -0.02 20.72 -14.70
N GLN A 317 0.38 19.77 -13.87
CA GLN A 317 -0.10 18.40 -13.95
C GLN A 317 -1.47 18.26 -13.28
N ILE A 318 -2.27 17.31 -13.79
CA ILE A 318 -3.57 17.00 -13.23
C ILE A 318 -3.61 15.52 -12.88
N MET A 319 -4.03 15.21 -11.67
CA MET A 319 -4.02 13.83 -11.19
C MET A 319 -5.34 13.14 -11.49
N TRP A 320 -5.31 11.80 -11.47
CA TRP A 320 -6.43 10.99 -11.91
C TRP A 320 -6.22 9.56 -11.39
N THR A 321 -7.26 8.97 -10.82
CA THR A 321 -7.17 7.63 -10.25
C THR A 321 -7.69 6.54 -11.17
N GLY A 322 -8.23 6.90 -12.34
CA GLY A 322 -8.73 5.91 -13.27
C GLY A 322 -10.23 5.98 -13.45
N ASP A 323 -10.84 4.85 -13.83
CA ASP A 323 -12.28 4.82 -14.04
C ASP A 323 -13.06 4.86 -12.74
N ARG A 324 -12.43 4.48 -11.62
CA ARG A 324 -13.06 4.54 -10.31
C ARG A 324 -12.01 4.92 -9.29
N VAL A 325 -12.46 5.15 -8.05
CA VAL A 325 -11.53 5.51 -6.98
C VAL A 325 -10.41 4.49 -6.89
N ILE A 326 -10.78 3.21 -6.93
CA ILE A 326 -9.84 2.09 -6.99
C ILE A 326 -10.03 1.44 -8.36
N SER A 327 -8.99 1.43 -9.17
CA SER A 327 -9.13 0.90 -10.52
C SER A 327 -7.77 0.69 -11.14
N ASP A 328 -7.74 -0.19 -12.14
CA ASP A 328 -6.55 -0.40 -12.96
C ASP A 328 -6.60 0.53 -14.16
N ILE A 329 -5.42 0.95 -14.61
CA ILE A 329 -5.32 1.98 -15.64
C ILE A 329 -5.26 1.30 -17.01
N THR A 330 -6.28 1.56 -17.82
CA THR A 330 -6.42 0.97 -19.15
C THR A 330 -6.13 2.03 -20.21
N ARG A 331 -6.07 1.56 -21.47
CA ARG A 331 -5.88 2.49 -22.58
C ARG A 331 -7.14 3.29 -22.85
N ASP A 332 -8.31 2.68 -22.68
CA ASP A 332 -9.57 3.39 -22.91
C ASP A 332 -9.83 4.41 -21.81
N GLY A 333 -9.39 4.13 -20.59
CA GLY A 333 -9.61 5.03 -19.47
C GLY A 333 -8.68 6.23 -19.49
N ILE A 334 -7.45 6.02 -19.93
CA ILE A 334 -6.50 7.13 -20.01
C ILE A 334 -6.84 8.05 -21.18
N SER A 335 -7.31 7.47 -22.29
CA SER A 335 -7.74 8.28 -23.42
C SER A 335 -8.98 9.10 -23.06
N TRP A 336 -9.88 8.52 -22.28
CA TRP A 336 -11.09 9.24 -21.87
C TRP A 336 -10.74 10.52 -21.12
N ILE A 337 -9.80 10.43 -20.18
CA ILE A 337 -9.48 11.59 -19.36
C ILE A 337 -8.65 12.60 -20.13
N ASN A 338 -7.65 12.13 -20.89
CA ASN A 338 -6.77 13.06 -21.59
C ASN A 338 -7.54 13.93 -22.58
N GLU A 339 -8.55 13.37 -23.25
CA GLU A 339 -9.37 14.15 -24.15
C GLU A 339 -9.92 15.39 -23.46
N ARG A 340 -10.24 15.28 -22.17
CA ARG A 340 -10.91 16.35 -21.45
C ARG A 340 -9.93 17.33 -20.79
N ILE A 341 -8.83 16.83 -20.20
CA ILE A 341 -7.85 17.70 -19.55
C ILE A 341 -6.77 18.18 -20.51
N LYS A 342 -6.79 17.72 -21.77
CA LYS A 342 -5.95 18.29 -22.82
C LYS A 342 -4.46 18.10 -22.54
N ARG A 343 -4.13 17.03 -21.84
CA ARG A 343 -2.73 16.74 -21.50
C ARG A 343 -2.64 15.33 -20.94
N PRO A 344 -1.45 14.74 -20.81
CA PRO A 344 -1.35 13.39 -20.24
C PRO A 344 -1.66 13.40 -18.75
N ALA A 345 -2.47 12.44 -18.32
CA ALA A 345 -2.88 12.39 -16.92
C ALA A 345 -1.71 11.96 -16.03
N TYR A 346 -1.71 12.49 -14.81
CA TYR A 346 -0.73 12.16 -13.77
C TYR A 346 -1.39 11.15 -12.85
N ILE A 347 -1.07 9.86 -13.04
CA ILE A 347 -1.89 8.81 -12.43
C ILE A 347 -1.63 8.72 -10.94
N TRP A 348 -2.71 8.68 -10.17
CA TRP A 348 -2.70 8.40 -8.74
C TRP A 348 -3.37 7.04 -8.55
N TRP A 349 -2.57 6.02 -8.28
CA TRP A 349 -3.07 4.64 -8.23
C TRP A 349 -3.29 4.23 -6.79
N ASN A 350 -4.55 3.95 -6.44
CA ASN A 350 -4.92 3.65 -5.06
C ASN A 350 -4.69 2.16 -4.77
N PHE A 351 -3.43 1.77 -4.83
CA PHE A 351 -2.99 0.45 -4.38
C PHE A 351 -1.52 0.58 -3.97
N PRO A 352 -1.13 -0.05 -2.84
CA PRO A 352 -1.87 -0.94 -1.95
C PRO A 352 -2.62 -0.27 -0.79
N VAL A 353 -2.97 1.02 -0.91
CA VAL A 353 -3.63 1.70 0.18
C VAL A 353 -4.79 0.85 0.69
N SER A 354 -4.95 0.84 2.02
CA SER A 354 -5.94 0.00 2.69
C SER A 354 -6.77 0.77 3.70
N ASP A 355 -6.77 2.11 3.63
CA ASP A 355 -7.47 2.92 4.62
C ASP A 355 -8.97 2.76 4.57
N TYR A 356 -9.51 1.92 3.68
CA TYR A 356 -10.92 1.56 3.70
C TYR A 356 -11.12 0.08 3.99
N VAL A 357 -10.05 -0.66 4.25
CA VAL A 357 -10.12 -2.06 4.67
C VAL A 357 -8.97 -2.29 5.64
N ARG A 358 -8.99 -1.58 6.77
CA ARG A 358 -7.80 -1.46 7.60
C ARG A 358 -7.49 -2.73 8.39
N ASP A 359 -8.39 -3.71 8.38
CA ASP A 359 -8.09 -5.01 9.00
C ASP A 359 -7.36 -5.96 8.05
N HIS A 360 -7.07 -5.52 6.83
CA HIS A 360 -6.36 -6.34 5.86
C HIS A 360 -5.00 -5.75 5.54
N LEU A 361 -4.03 -6.63 5.33
CA LEU A 361 -2.77 -6.29 4.67
C LEU A 361 -2.88 -6.66 3.20
N LEU A 362 -2.41 -5.76 2.33
CA LEU A 362 -2.42 -6.00 0.88
C LEU A 362 -0.97 -6.18 0.43
N LEU A 363 -0.51 -7.44 0.43
CA LEU A 363 0.88 -7.74 0.14
C LEU A 363 1.05 -8.47 -1.19
N GLY A 364 0.02 -8.46 -2.04
CA GLY A 364 0.07 -9.19 -3.29
C GLY A 364 0.81 -8.42 -4.36
N PRO A 365 0.91 -9.02 -5.54
CA PRO A 365 1.62 -8.37 -6.65
C PRO A 365 0.83 -7.23 -7.26
N VAL A 366 1.56 -6.38 -7.98
CA VAL A 366 0.99 -5.25 -8.69
C VAL A 366 0.66 -5.70 -10.11
N TYR A 367 -0.61 -5.59 -10.49
CA TYR A 367 -1.03 -6.01 -11.82
C TYR A 367 -2.33 -5.30 -12.18
N GLY A 368 -2.72 -5.44 -13.45
CA GLY A 368 -3.93 -4.84 -13.98
C GLY A 368 -3.72 -3.61 -14.85
N ASN A 369 -2.56 -2.98 -14.77
CA ASN A 369 -2.33 -1.73 -15.49
C ASN A 369 -1.73 -2.01 -16.87
N ASP A 370 -2.37 -1.47 -17.90
CA ASP A 370 -1.90 -1.63 -19.27
C ASP A 370 -0.43 -1.22 -19.37
N THR A 371 0.35 -2.00 -20.11
CA THR A 371 1.78 -1.83 -20.19
C THR A 371 2.24 -1.17 -21.49
N THR A 372 1.32 -0.61 -22.28
CA THR A 372 1.66 0.01 -23.56
C THR A 372 1.26 1.48 -23.63
N ILE A 373 1.00 2.12 -22.49
CA ILE A 373 0.45 3.47 -22.45
C ILE A 373 1.41 4.45 -21.78
N ALA A 374 2.71 4.14 -21.76
CA ALA A 374 3.67 5.02 -21.10
C ALA A 374 3.59 6.43 -21.64
N LYS A 375 3.39 6.59 -22.95
CA LYS A 375 3.33 7.93 -23.54
C LYS A 375 2.05 8.68 -23.17
N GLU A 376 1.05 7.99 -22.62
CA GLU A 376 -0.26 8.59 -22.36
C GLU A 376 -0.39 9.13 -20.95
N MET A 377 0.63 8.97 -20.10
CA MET A 377 0.58 9.44 -18.72
C MET A 377 1.80 10.29 -18.43
N SER A 378 1.57 11.40 -17.72
CA SER A 378 2.67 12.28 -17.31
C SER A 378 3.43 11.71 -16.12
N GLY A 379 2.74 11.01 -15.22
CA GLY A 379 3.40 10.39 -14.08
C GLY A 379 2.59 9.23 -13.59
N PHE A 380 3.15 8.51 -12.62
CA PHE A 380 2.47 7.37 -12.01
C PHE A 380 2.97 7.27 -10.58
N VAL A 381 2.09 7.51 -9.61
CA VAL A 381 2.41 7.37 -8.20
C VAL A 381 1.41 6.42 -7.56
N THR A 382 1.90 5.65 -6.59
CA THR A 382 1.06 4.72 -5.84
C THR A 382 0.76 5.28 -4.46
N ASN A 383 -0.51 5.14 -4.05
CA ASN A 383 -0.92 5.47 -2.68
C ASN A 383 -0.77 4.23 -1.82
N PRO A 384 0.13 4.22 -0.83
CA PRO A 384 0.42 2.97 -0.11
C PRO A 384 -0.41 2.77 1.15
N MET A 385 -0.13 1.70 1.89
CA MET A 385 -0.71 1.48 3.20
C MET A 385 -0.04 2.39 4.22
N GLU A 386 -0.68 2.54 5.39
CA GLU A 386 -0.01 3.26 6.47
C GLU A 386 1.10 2.42 7.10
N HIS A 387 1.19 1.13 6.77
CA HIS A 387 2.33 0.29 7.10
C HIS A 387 3.40 0.52 6.04
N ALA A 388 4.44 1.28 6.40
CA ALA A 388 5.40 1.77 5.40
C ALA A 388 6.20 0.63 4.80
N GLU A 389 6.80 -0.23 5.62
CA GLU A 389 7.63 -1.30 5.10
C GLU A 389 6.82 -2.28 4.28
N SER A 390 5.64 -2.68 4.78
CA SER A 390 4.81 -3.63 4.06
C SER A 390 4.44 -3.13 2.68
N SER A 391 4.36 -1.80 2.51
CA SER A 391 4.06 -1.19 1.23
C SER A 391 5.20 -1.29 0.24
N LYS A 392 6.41 -1.64 0.70
CA LYS A 392 7.57 -1.70 -0.19
C LYS A 392 7.42 -2.77 -1.27
N ILE A 393 6.61 -3.80 -1.03
CA ILE A 393 6.40 -4.82 -2.06
C ILE A 393 5.78 -4.19 -3.29
N ALA A 394 4.68 -3.46 -3.12
CA ALA A 394 4.03 -2.82 -4.27
C ALA A 394 4.85 -1.65 -4.79
N ILE A 395 5.48 -0.88 -3.90
CA ILE A 395 6.28 0.28 -4.34
C ILE A 395 7.39 -0.18 -5.27
N TYR A 396 8.14 -1.20 -4.84
CA TYR A 396 9.19 -1.79 -5.68
C TYR A 396 8.63 -2.21 -7.03
N SER A 397 7.43 -2.80 -7.05
CA SER A 397 6.83 -3.27 -8.28
C SER A 397 6.36 -2.12 -9.16
N VAL A 398 5.85 -1.05 -8.55
CA VAL A 398 5.43 0.13 -9.30
C VAL A 398 6.64 0.81 -9.92
N ALA A 399 7.74 0.87 -9.19
CA ALA A 399 8.99 1.41 -9.72
C ALA A 399 9.41 0.65 -10.98
N SER A 400 9.36 -0.67 -10.94
CA SER A 400 9.69 -1.47 -12.11
C SER A 400 8.73 -1.19 -13.26
N TYR A 401 7.42 -1.23 -12.97
CA TYR A 401 6.42 -1.00 -14.01
C TYR A 401 6.61 0.36 -14.67
N ALA A 402 6.78 1.42 -13.86
CA ALA A 402 6.77 2.78 -14.39
C ALA A 402 8.03 3.07 -15.19
N TRP A 403 9.17 2.47 -14.80
CA TRP A 403 10.42 2.71 -15.51
C TRP A 403 10.46 1.97 -16.85
N ASN A 404 9.98 0.73 -16.90
CA ASN A 404 10.02 -0.07 -18.14
C ASN A 404 8.75 -0.89 -18.25
N PRO A 405 7.62 -0.26 -18.59
CA PRO A 405 6.36 -1.01 -18.71
C PRO A 405 6.43 -2.17 -19.69
N ALA A 406 7.11 -2.00 -20.83
CA ALA A 406 7.11 -3.03 -21.85
C ALA A 406 7.60 -4.36 -21.31
N LYS A 407 8.52 -4.34 -20.35
CA LYS A 407 9.11 -5.55 -19.81
C LYS A 407 8.64 -5.87 -18.40
N TYR A 408 7.54 -5.26 -17.97
CA TYR A 408 7.08 -5.47 -16.59
C TYR A 408 6.60 -6.90 -16.42
N ASP A 409 7.20 -7.61 -15.47
CA ASP A 409 6.86 -8.98 -15.15
C ASP A 409 6.28 -9.01 -13.74
N THR A 410 4.95 -9.16 -13.66
CA THR A 410 4.25 -9.04 -12.38
C THR A 410 4.83 -9.96 -11.32
N TRP A 411 4.82 -11.28 -11.57
CA TRP A 411 5.18 -12.23 -10.53
C TRP A 411 6.67 -12.19 -10.22
N GLN A 412 7.52 -12.11 -11.25
CA GLN A 412 8.96 -12.04 -11.04
C GLN A 412 9.35 -10.80 -10.23
N THR A 413 8.67 -9.68 -10.46
CA THR A 413 8.97 -8.47 -9.71
C THR A 413 8.46 -8.55 -8.28
N TRP A 414 7.33 -9.23 -8.07
CA TRP A 414 6.83 -9.47 -6.72
C TRP A 414 7.84 -10.26 -5.90
N LYS A 415 8.34 -11.35 -6.47
CA LYS A 415 9.35 -12.17 -5.80
C LYS A 415 10.63 -11.38 -5.55
N ASP A 416 11.07 -10.58 -6.55
CA ASP A 416 12.26 -9.78 -6.39
C ASP A 416 12.12 -8.77 -5.26
N ALA A 417 10.96 -8.11 -5.18
CA ALA A 417 10.69 -7.19 -4.08
C ALA A 417 10.86 -7.88 -2.73
N ILE A 418 10.24 -9.05 -2.57
CA ILE A 418 10.28 -9.75 -1.28
C ILE A 418 11.71 -10.14 -0.94
N ARG A 419 12.48 -10.60 -1.92
CA ARG A 419 13.86 -10.99 -1.66
C ARG A 419 14.73 -9.79 -1.31
N THR A 420 14.31 -8.58 -1.70
CA THR A 420 15.06 -7.37 -1.37
C THR A 420 14.70 -6.85 0.01
N ILE A 421 13.42 -6.96 0.38
CA ILE A 421 12.92 -6.43 1.64
C ILE A 421 13.33 -7.32 2.82
N LEU A 422 13.49 -8.62 2.59
CA LEU A 422 13.76 -9.56 3.70
C LEU A 422 14.53 -10.77 3.16
N PRO A 423 15.77 -10.56 2.72
CA PRO A 423 16.54 -11.69 2.18
C PRO A 423 16.69 -12.85 3.13
N SER A 424 16.79 -12.60 4.44
CA SER A 424 17.05 -13.67 5.40
C SER A 424 15.85 -14.62 5.55
N ALA A 425 14.67 -14.22 5.10
CA ALA A 425 13.48 -15.06 5.25
C ALA A 425 12.51 -14.81 4.10
N ALA A 426 13.05 -14.68 2.88
CA ALA A 426 12.23 -14.33 1.73
C ALA A 426 11.12 -15.36 1.50
N GLU A 427 11.46 -16.66 1.55
CA GLU A 427 10.45 -17.68 1.32
C GLU A 427 9.34 -17.58 2.35
N GLU A 428 9.70 -17.36 3.61
CA GLU A 428 8.71 -17.24 4.67
C GLU A 428 7.80 -16.03 4.44
N LEU A 429 8.37 -14.92 3.95
CA LEU A 429 7.54 -13.75 3.67
C LEU A 429 6.67 -13.96 2.43
N GLU A 430 7.21 -14.62 1.39
CA GLU A 430 6.39 -15.01 0.26
C GLU A 430 5.22 -15.88 0.68
N SER A 431 5.47 -16.84 1.57
CA SER A 431 4.39 -17.69 2.04
C SER A 431 3.31 -16.88 2.75
N PHE A 432 3.73 -15.90 3.56
CA PHE A 432 2.76 -15.07 4.26
C PHE A 432 2.02 -14.16 3.28
N ALA A 433 2.75 -13.53 2.36
CA ALA A 433 2.15 -12.57 1.45
C ALA A 433 1.16 -13.23 0.50
N MET A 434 1.47 -14.46 0.05
CA MET A 434 0.59 -15.15 -0.90
C MET A 434 -0.83 -15.26 -0.35
N HIS A 435 -0.99 -15.39 0.95
CA HIS A 435 -2.29 -15.58 1.58
C HIS A 435 -2.79 -14.30 2.26
N ASN A 436 -2.22 -13.14 1.90
CA ASN A 436 -2.60 -11.83 2.44
C ASN A 436 -2.59 -10.81 1.30
N SER A 437 -3.52 -10.96 0.37
CA SER A 437 -3.53 -10.17 -0.86
C SER A 437 -4.90 -9.58 -1.15
N ASP A 438 -5.96 -10.30 -0.81
CA ASP A 438 -7.31 -9.84 -1.09
C ASP A 438 -7.74 -8.80 -0.07
N LEU A 439 -8.77 -8.03 -0.43
CA LEU A 439 -9.28 -6.97 0.41
C LEU A 439 -10.56 -7.35 1.16
N GLY A 440 -11.18 -8.46 0.78
CA GLY A 440 -12.49 -8.77 1.29
C GLY A 440 -13.52 -7.80 0.76
N PRO A 441 -14.80 -8.09 0.96
CA PRO A 441 -15.84 -7.22 0.39
C PRO A 441 -15.69 -5.79 0.89
N ASN A 442 -15.85 -4.85 -0.04
CA ASN A 442 -15.71 -3.43 0.27
C ASN A 442 -16.66 -2.64 -0.62
N GLY A 443 -16.85 -1.37 -0.26
CA GLY A 443 -17.76 -0.52 -1.02
C GLY A 443 -17.29 -0.24 -2.44
N HIS A 444 -15.98 -0.31 -2.68
CA HIS A 444 -15.44 -0.11 -4.02
C HIS A 444 -15.55 -1.34 -4.91
N GLY A 445 -15.84 -2.51 -4.34
CA GLY A 445 -15.90 -3.72 -5.14
C GLY A 445 -14.57 -4.12 -5.75
N TYR A 446 -13.46 -3.66 -5.18
CA TYR A 446 -12.13 -3.92 -5.72
C TYR A 446 -11.52 -5.11 -4.99
N ARG A 447 -11.14 -6.13 -5.74
CA ARG A 447 -10.64 -7.37 -5.17
C ARG A 447 -9.33 -7.77 -5.86
N ARG A 448 -8.53 -8.55 -5.15
CA ARG A 448 -7.28 -9.08 -5.68
C ARG A 448 -7.26 -10.59 -5.47
N GLU A 449 -6.48 -11.28 -6.30
CA GLU A 449 -6.33 -12.72 -6.17
C GLU A 449 -5.55 -13.07 -4.91
N GLU A 450 -5.78 -14.30 -4.42
CA GLU A 450 -5.13 -14.77 -3.20
C GLU A 450 -5.19 -16.29 -3.16
N SER A 451 -4.12 -16.91 -2.67
CA SER A 451 -4.10 -18.35 -2.41
C SER A 451 -4.36 -19.16 -3.67
N MET A 452 -3.87 -18.67 -4.82
CA MET A 452 -4.25 -19.24 -6.10
C MET A 452 -3.69 -20.64 -6.30
N ASP A 453 -2.52 -20.95 -5.74
CA ASP A 453 -1.91 -22.26 -5.95
C ASP A 453 -2.71 -23.37 -5.28
N ILE A 454 -3.16 -23.14 -4.04
CA ILE A 454 -3.87 -24.19 -3.31
C ILE A 454 -5.36 -24.22 -3.62
N GLN A 455 -5.88 -23.21 -4.31
CA GLN A 455 -7.32 -23.14 -4.53
C GLN A 455 -7.87 -24.35 -5.26
N PRO A 456 -7.27 -24.83 -6.35
CA PRO A 456 -7.82 -26.03 -7.01
C PRO A 456 -8.03 -27.20 -6.07
N ALA A 457 -7.04 -27.53 -5.23
CA ALA A 457 -7.18 -28.66 -4.32
C ALA A 457 -8.27 -28.38 -3.30
N ALA A 458 -8.29 -27.17 -2.74
CA ALA A 458 -9.31 -26.81 -1.76
C ALA A 458 -10.71 -26.97 -2.33
N GLU A 459 -10.94 -26.50 -3.56
CA GLU A 459 -12.28 -26.53 -4.13
C GLU A 459 -12.72 -27.96 -4.46
N ARG A 460 -11.79 -28.82 -4.89
CA ARG A 460 -12.15 -30.21 -5.16
C ARG A 460 -12.36 -30.97 -3.85
N PHE A 461 -11.54 -30.71 -2.84
CA PHE A 461 -11.69 -31.39 -1.57
C PHE A 461 -13.05 -31.10 -0.96
N LEU A 462 -13.44 -29.83 -0.93
CA LEU A 462 -14.67 -29.44 -0.25
C LEU A 462 -15.91 -29.95 -0.99
N LYS A 463 -15.89 -29.92 -2.32
CA LYS A 463 -17.06 -30.36 -3.07
C LYS A 463 -17.30 -31.86 -2.88
N ALA A 464 -16.24 -32.66 -3.05
CA ALA A 464 -16.37 -34.10 -2.77
C ALA A 464 -16.85 -34.36 -1.35
N PHE A 465 -16.49 -33.47 -0.42
CA PHE A 465 -16.83 -33.68 0.98
C PHE A 465 -18.31 -33.40 1.24
N LYS A 466 -18.84 -32.30 0.71
CA LYS A 466 -20.21 -31.90 1.03
C LYS A 466 -21.24 -32.84 0.44
N GLU A 467 -20.99 -33.41 -0.73
CA GLU A 467 -21.97 -34.26 -1.40
C GLU A 467 -21.62 -35.75 -1.30
N GLY A 468 -20.81 -36.14 -0.33
CA GLY A 468 -20.63 -37.53 0.01
C GLY A 468 -19.77 -38.34 -0.94
N LYS A 469 -18.94 -37.71 -1.76
CA LYS A 469 -18.06 -38.44 -2.66
C LYS A 469 -16.82 -38.88 -1.91
N ASN A 470 -15.72 -39.10 -2.61
CA ASN A 470 -14.42 -39.38 -2.02
C ASN A 470 -13.43 -38.32 -2.47
N TYR A 471 -12.68 -37.77 -1.53
CA TYR A 471 -11.68 -36.76 -1.85
C TYR A 471 -10.35 -37.40 -2.23
N ASP A 472 -9.62 -36.75 -3.11
CA ASP A 472 -8.30 -37.22 -3.51
C ASP A 472 -7.31 -37.03 -2.36
N LYS A 473 -6.63 -38.12 -1.99
CA LYS A 473 -5.66 -38.03 -0.90
C LYS A 473 -4.55 -37.03 -1.21
N ALA A 474 -4.23 -36.82 -2.49
CA ALA A 474 -3.24 -35.80 -2.84
C ALA A 474 -3.71 -34.41 -2.43
N ASP A 475 -4.97 -34.09 -2.72
CA ASP A 475 -5.50 -32.79 -2.32
C ASP A 475 -5.49 -32.64 -0.80
N PHE A 476 -5.71 -33.73 -0.07
CA PHE A 476 -5.70 -33.67 1.39
C PHE A 476 -4.31 -33.36 1.91
N GLU A 477 -3.28 -33.98 1.34
CA GLU A 477 -1.91 -33.72 1.80
C GLU A 477 -1.44 -32.34 1.37
N THR A 478 -1.96 -31.82 0.26
CA THR A 478 -1.65 -30.45 -0.12
C THR A 478 -2.12 -29.47 0.94
N LEU A 479 -3.33 -29.68 1.47
CA LEU A 479 -3.82 -28.81 2.54
C LEU A 479 -3.00 -29.00 3.80
N GLN A 480 -2.60 -30.23 4.11
CA GLN A 480 -1.73 -30.46 5.25
C GLN A 480 -0.38 -29.77 5.06
N TYR A 481 0.21 -29.91 3.87
CA TYR A 481 1.46 -29.21 3.57
C TYR A 481 1.31 -27.71 3.76
N THR A 482 0.21 -27.15 3.25
CA THR A 482 0.02 -25.70 3.34
C THR A 482 -0.01 -25.25 4.80
N PHE A 483 -0.86 -25.88 5.61
CA PHE A 483 -0.97 -25.45 7.00
C PHE A 483 0.37 -25.57 7.71
N GLU A 484 1.09 -26.67 7.49
CA GLU A 484 2.40 -26.83 8.13
C GLU A 484 3.35 -25.71 7.72
N ARG A 485 3.38 -25.37 6.44
CA ARG A 485 4.28 -24.32 5.96
C ARG A 485 3.86 -22.96 6.51
N MET A 486 2.56 -22.71 6.62
CA MET A 486 2.09 -21.47 7.21
C MET A 486 2.62 -21.29 8.63
N LYS A 487 2.68 -22.38 9.41
CA LYS A 487 3.14 -22.26 10.79
C LYS A 487 4.64 -21.99 10.85
N GLU A 488 5.42 -22.66 10.00
CA GLU A 488 6.85 -22.39 9.92
C GLU A 488 7.11 -20.91 9.62
N SER A 489 6.40 -20.37 8.63
CA SER A 489 6.66 -19.00 8.21
C SER A 489 6.29 -18.01 9.31
N ALA A 490 5.17 -18.25 10.00
CA ALA A 490 4.75 -17.35 11.07
C ALA A 490 5.79 -17.29 12.18
N ASP A 491 6.27 -18.45 12.63
CA ASP A 491 7.23 -18.45 13.73
C ASP A 491 8.56 -17.85 13.30
N ILE A 492 9.03 -18.14 12.09
CA ILE A 492 10.28 -17.55 11.63
C ILE A 492 10.13 -16.05 11.46
N LEU A 493 9.01 -15.61 10.88
CA LEU A 493 8.83 -14.18 10.66
C LEU A 493 8.72 -13.43 11.98
N LEU A 494 8.06 -14.03 12.98
CA LEU A 494 7.90 -13.37 14.26
C LEU A 494 9.24 -13.02 14.90
N MET A 495 10.24 -13.87 14.71
CA MET A 495 11.53 -13.69 15.36
C MET A 495 12.57 -13.05 14.45
N ASN A 496 12.20 -12.62 13.25
CA ASN A 496 13.18 -12.06 12.33
C ASN A 496 13.59 -10.66 12.78
N THR A 497 14.90 -10.45 12.93
CA THR A 497 15.44 -9.16 13.35
C THR A 497 16.16 -8.43 12.23
N GLU A 498 16.03 -8.87 10.98
CA GLU A 498 16.69 -8.18 9.88
C GLU A 498 15.97 -6.89 9.50
N ASN A 499 14.63 -6.91 9.56
CA ASN A 499 13.82 -5.72 9.27
C ASN A 499 12.79 -5.61 10.40
N LYS A 500 13.23 -5.05 11.52
CA LYS A 500 12.35 -4.95 12.69
C LYS A 500 11.11 -4.11 12.41
N PRO A 501 11.21 -2.94 11.77
CA PRO A 501 9.98 -2.20 11.44
C PRO A 501 8.97 -3.03 10.68
N LEU A 502 9.41 -3.82 9.69
CA LEU A 502 8.48 -4.68 8.97
C LEU A 502 7.75 -5.63 9.91
N ILE A 503 8.50 -6.30 10.79
CA ILE A 503 7.89 -7.31 11.67
C ILE A 503 6.88 -6.65 12.62
N VAL A 504 7.21 -5.46 13.14
CA VAL A 504 6.27 -4.79 14.03
C VAL A 504 4.95 -4.53 13.32
N GLU A 505 5.02 -4.11 12.05
CA GLU A 505 3.80 -3.82 11.30
C GLU A 505 2.92 -5.07 11.16
N ILE A 506 3.52 -6.21 10.83
CA ILE A 506 2.74 -7.39 10.43
C ILE A 506 2.43 -8.36 11.56
N THR A 507 3.05 -8.19 12.73
CA THR A 507 2.93 -9.17 13.81
C THR A 507 1.49 -9.51 14.16
N PRO A 508 0.58 -8.56 14.33
CA PRO A 508 -0.81 -8.94 14.64
C PRO A 508 -1.39 -9.89 13.61
N TRP A 509 -1.10 -9.67 12.33
CA TRP A 509 -1.58 -10.56 11.28
C TRP A 509 -0.83 -11.90 11.29
N VAL A 510 0.43 -11.89 11.69
CA VAL A 510 1.20 -13.15 11.73
C VAL A 510 0.65 -14.07 12.80
N HIS A 511 0.28 -13.51 13.97
CA HIS A 511 -0.37 -14.30 15.00
C HIS A 511 -1.67 -14.90 14.48
N GLN A 512 -2.51 -14.07 13.85
CA GLN A 512 -3.77 -14.56 13.30
C GLN A 512 -3.52 -15.58 12.20
N PHE A 513 -2.48 -15.34 11.40
CA PHE A 513 -2.05 -16.29 10.38
C PHE A 513 -1.75 -17.66 10.99
N LYS A 514 -0.94 -17.69 12.05
CA LYS A 514 -0.57 -18.95 12.67
C LYS A 514 -1.79 -19.66 13.25
N LEU A 515 -2.68 -18.93 13.91
CA LEU A 515 -3.86 -19.56 14.48
C LEU A 515 -4.74 -20.18 13.39
N THR A 516 -4.85 -19.52 12.24
CA THR A 516 -5.55 -20.11 11.10
C THR A 516 -4.93 -21.44 10.73
N ALA A 517 -3.59 -21.47 10.57
CA ALA A 517 -2.91 -22.70 10.20
C ALA A 517 -3.16 -23.81 11.21
N GLU A 518 -3.03 -23.49 12.50
CA GLU A 518 -3.26 -24.49 13.54
C GLU A 518 -4.70 -24.98 13.52
N MET A 519 -5.65 -24.07 13.36
CA MET A 519 -7.04 -24.49 13.22
C MET A 519 -7.21 -25.43 12.04
N GLY A 520 -6.59 -25.10 10.91
CA GLY A 520 -6.72 -25.93 9.73
C GLY A 520 -6.26 -27.36 9.96
N GLU A 521 -5.13 -27.52 10.66
CA GLU A 521 -4.63 -28.87 10.93
C GLU A 521 -5.61 -29.65 11.80
N GLU A 522 -6.15 -29.00 12.83
CA GLU A 522 -7.07 -29.68 13.73
C GLU A 522 -8.37 -30.07 13.03
N VAL A 523 -8.83 -29.22 12.09
CA VAL A 523 -10.04 -29.56 11.34
C VAL A 523 -9.78 -30.74 10.42
N LEU A 524 -8.61 -30.78 9.78
CA LEU A 524 -8.29 -31.93 8.95
C LEU A 524 -8.18 -33.21 9.75
N LYS A 525 -7.67 -33.12 10.98
CA LYS A 525 -7.67 -34.29 11.85
C LYS A 525 -9.08 -34.72 12.21
N MET A 526 -10.02 -33.77 12.28
CA MET A 526 -11.42 -34.14 12.49
C MET A 526 -11.99 -34.88 11.29
N VAL A 527 -11.43 -34.66 10.09
CA VAL A 527 -11.91 -35.35 8.90
C VAL A 527 -11.45 -36.81 8.91
N GLU A 528 -10.18 -37.03 9.23
CA GLU A 528 -9.69 -38.41 9.34
C GLU A 528 -10.49 -39.19 10.36
N GLY A 529 -10.88 -38.56 11.46
CA GLY A 529 -11.88 -39.11 12.36
C GLY A 529 -11.38 -40.09 13.39
N ARG A 530 -11.25 -41.35 13.00
CA ARG A 530 -10.83 -42.44 13.89
C ARG A 530 -11.96 -42.85 14.83
N ASN A 531 -11.92 -42.39 16.07
CA ASN A 531 -12.91 -42.75 17.08
C ASN A 531 -13.58 -41.48 17.60
N GLU A 532 -14.53 -41.67 18.51
CA GLU A 532 -15.37 -40.59 18.98
C GLU A 532 -14.64 -39.65 19.94
N SER A 533 -13.81 -40.19 20.83
CA SER A 533 -13.14 -39.35 21.82
C SER A 533 -12.06 -38.49 21.18
N TYR A 534 -11.29 -39.04 20.24
CA TYR A 534 -10.30 -38.24 19.54
C TYR A 534 -10.97 -37.09 18.79
N PHE A 535 -12.07 -37.38 18.08
CA PHE A 535 -12.81 -36.33 17.40
C PHE A 535 -13.21 -35.23 18.36
N LEU A 536 -13.66 -35.60 19.57
CA LEU A 536 -14.08 -34.60 20.54
C LEU A 536 -12.89 -33.77 21.03
N ARG A 537 -11.75 -34.41 21.27
CA ARG A 537 -10.55 -33.66 21.62
C ARG A 537 -10.24 -32.60 20.57
N LYS A 538 -10.23 -33.00 19.29
CA LYS A 538 -9.96 -32.05 18.22
C LYS A 538 -11.03 -30.96 18.17
N TYR A 539 -12.29 -31.33 18.39
CA TYR A 539 -13.37 -30.34 18.38
C TYR A 539 -13.15 -29.28 19.47
N ASN A 540 -12.84 -29.71 20.69
CA ASN A 540 -12.60 -28.76 21.78
C ASN A 540 -11.42 -27.87 21.49
N HIS A 541 -10.36 -28.43 20.88
CA HIS A 541 -9.20 -27.61 20.55
C HIS A 541 -9.55 -26.56 19.50
N VAL A 542 -10.36 -26.94 18.51
CA VAL A 542 -10.80 -25.97 17.51
C VAL A 542 -11.61 -24.86 18.16
N LYS A 543 -12.55 -25.23 19.03
CA LYS A 543 -13.35 -24.21 19.72
C LYS A 543 -12.46 -23.23 20.48
N ALA A 544 -11.36 -23.73 21.06
CA ALA A 544 -10.45 -22.85 21.80
C ALA A 544 -9.68 -21.93 20.85
N LEU A 545 -9.30 -22.44 19.68
CA LEU A 545 -8.58 -21.62 18.71
C LEU A 545 -9.49 -20.53 18.15
N GLN A 546 -10.76 -20.82 17.93
CA GLN A 546 -11.70 -19.78 17.54
C GLN A 546 -11.70 -18.64 18.55
N GLN A 547 -11.79 -18.98 19.85
CA GLN A 547 -11.77 -17.96 20.89
C GLN A 547 -10.46 -17.18 20.89
N GLN A 548 -9.34 -17.83 20.56
CA GLN A 548 -8.07 -17.11 20.53
C GLN A 548 -8.01 -16.14 19.36
N MET A 549 -8.61 -16.51 18.22
CA MET A 549 -8.67 -15.61 17.08
C MET A 549 -9.59 -14.43 17.36
N PHE A 550 -10.65 -14.64 18.12
CA PHE A 550 -11.51 -13.53 18.55
C PHE A 550 -10.76 -12.56 19.44
N TYR A 551 -9.99 -13.09 20.40
CA TYR A 551 -9.21 -12.23 21.29
C TYR A 551 -8.30 -11.31 20.49
N ILE A 552 -7.58 -11.86 19.52
CA ILE A 552 -6.70 -11.04 18.68
C ILE A 552 -7.52 -10.03 17.89
N ASP A 553 -8.64 -10.48 17.32
CA ASP A 553 -9.45 -9.58 16.50
C ASP A 553 -10.00 -8.41 17.30
N GLN A 554 -10.04 -8.52 18.64
CA GLN A 554 -10.60 -7.48 19.49
C GLN A 554 -9.55 -6.67 20.24
N THR A 555 -8.29 -7.13 20.26
CA THR A 555 -7.25 -6.46 21.02
C THR A 555 -6.14 -5.88 20.14
N SER A 556 -6.02 -6.33 18.89
CA SER A 556 -4.98 -5.86 17.98
C SER A 556 -5.59 -4.96 16.92
N ASN A 557 -4.85 -3.92 16.53
CA ASN A 557 -5.25 -3.06 15.42
C ASN A 557 -6.65 -2.49 15.65
N GLN A 558 -6.85 -1.87 16.81
CA GLN A 558 -8.15 -1.32 17.17
C GLN A 558 -8.28 0.12 16.65
N ASN A 559 -8.27 0.25 15.34
CA ASN A 559 -8.48 1.52 14.68
C ASN A 559 -9.98 1.82 14.60
N PRO A 560 -10.35 3.08 14.35
CA PRO A 560 -11.78 3.46 14.45
C PRO A 560 -12.59 3.20 13.19
N CYS A 561 -12.05 2.41 12.24
CA CYS A 561 -12.71 2.18 10.96
C CYS A 561 -13.02 0.71 10.75
N GLN A 562 -12.01 -0.13 10.53
CA GLN A 562 -12.20 -1.57 10.38
C GLN A 562 -11.24 -2.21 11.39
N PRO A 563 -11.60 -2.21 12.66
CA PRO A 563 -10.69 -2.77 13.67
C PRO A 563 -10.53 -4.27 13.51
N GLY A 564 -9.49 -4.79 14.14
CA GLY A 564 -9.22 -6.20 14.13
C GLY A 564 -8.22 -6.61 13.08
N VAL A 565 -8.16 -7.93 12.89
CA VAL A 565 -7.10 -8.56 12.09
C VAL A 565 -7.75 -9.68 11.27
N LYS A 566 -7.70 -9.54 9.94
CA LYS A 566 -8.21 -10.55 9.03
C LYS A 566 -7.09 -11.06 8.15
N THR A 567 -7.06 -12.37 7.90
CA THR A 567 -5.98 -12.98 7.16
C THR A 567 -6.49 -14.21 6.43
N ALA A 568 -5.92 -14.46 5.24
CA ALA A 568 -6.26 -15.62 4.42
C ALA A 568 -7.78 -15.74 4.25
N THR A 569 -8.41 -14.62 3.94
CA THR A 569 -9.86 -14.53 3.93
C THR A 569 -10.49 -15.06 2.66
N ARG A 570 -9.76 -15.10 1.55
CA ARG A 570 -10.39 -15.41 0.27
C ARG A 570 -10.66 -16.90 0.09
N VAL A 571 -9.70 -17.75 0.46
CA VAL A 571 -9.76 -19.18 0.17
C VAL A 571 -9.64 -20.02 1.43
N ILE A 572 -8.63 -19.74 2.26
CA ILE A 572 -8.27 -20.68 3.32
C ILE A 572 -9.29 -20.63 4.45
N LYS A 573 -9.61 -19.45 4.96
CA LYS A 573 -10.57 -19.36 6.05
C LYS A 573 -11.94 -19.90 5.65
N PRO A 574 -12.51 -19.53 4.50
CA PRO A 574 -13.75 -20.20 4.06
C PRO A 574 -13.63 -21.72 4.02
N LEU A 575 -12.52 -22.24 3.49
CA LEU A 575 -12.33 -23.69 3.46
C LEU A 575 -12.46 -24.30 4.85
N ILE A 576 -11.69 -23.79 5.80
CA ILE A 576 -11.65 -24.38 7.14
C ILE A 576 -13.01 -24.30 7.79
N ASP A 577 -13.67 -23.14 7.68
CA ASP A 577 -14.95 -22.95 8.35
C ASP A 577 -16.01 -23.88 7.78
N ARG A 578 -16.03 -24.05 6.45
CA ARG A 578 -17.04 -24.90 5.83
C ARG A 578 -16.73 -26.38 6.01
N THR A 579 -15.45 -26.74 6.13
CA THR A 579 -15.11 -28.13 6.42
C THR A 579 -15.46 -28.47 7.87
N PHE A 580 -15.18 -27.55 8.80
CA PHE A 580 -15.57 -27.75 10.19
C PHE A 580 -17.08 -27.89 10.31
N ALA A 581 -17.82 -26.96 9.71
CA ALA A 581 -19.28 -27.04 9.75
C ALA A 581 -19.77 -28.37 9.19
N THR A 582 -19.19 -28.83 8.08
CA THR A 582 -19.68 -30.04 7.43
C THR A 582 -19.42 -31.27 8.29
N VAL A 583 -18.20 -31.40 8.83
CA VAL A 583 -17.85 -32.61 9.55
C VAL A 583 -18.58 -32.68 10.89
N VAL A 584 -18.82 -31.53 11.53
CA VAL A 584 -19.61 -31.52 12.76
C VAL A 584 -21.03 -31.98 12.46
N LYS A 585 -21.59 -31.56 11.32
CA LYS A 585 -22.91 -32.01 10.91
C LYS A 585 -22.93 -33.52 10.76
N PHE A 586 -21.95 -34.08 10.05
CA PHE A 586 -21.88 -35.53 9.90
C PHE A 586 -21.72 -36.22 11.24
N PHE A 587 -21.03 -35.60 12.20
CA PHE A 587 -20.88 -36.21 13.52
C PHE A 587 -22.22 -36.24 14.24
N ASN A 588 -22.95 -35.12 14.24
CA ASN A 588 -24.24 -35.07 14.92
C ASN A 588 -25.22 -36.06 14.31
N GLN A 589 -25.18 -36.24 12.99
CA GLN A 589 -26.04 -37.25 12.36
C GLN A 589 -25.65 -38.65 12.77
N LYS A 590 -24.35 -38.91 12.89
CA LYS A 590 -23.86 -40.27 13.11
C LYS A 590 -24.05 -40.70 14.56
N PHE A 591 -23.63 -39.88 15.52
CA PHE A 591 -23.70 -40.20 16.94
C PHE A 591 -24.89 -39.55 17.63
N ASN A 592 -25.83 -38.99 16.88
CA ASN A 592 -26.99 -38.31 17.45
C ASN A 592 -26.56 -37.35 18.55
N ALA A 593 -25.71 -36.40 18.15
CA ALA A 593 -25.20 -35.37 19.03
C ALA A 593 -25.77 -34.01 18.62
N HIS A 594 -25.34 -32.97 19.32
CA HIS A 594 -25.81 -31.61 19.07
C HIS A 594 -24.66 -30.62 19.22
N LEU A 595 -23.48 -31.00 18.74
CA LEU A 595 -22.34 -30.11 18.81
C LEU A 595 -22.63 -28.81 18.07
N ASP A 596 -21.96 -27.74 18.50
CA ASP A 596 -22.14 -26.43 17.90
C ASP A 596 -21.29 -26.32 16.64
N ALA A 597 -21.92 -25.95 15.53
CA ALA A 597 -21.26 -25.90 14.23
C ALA A 597 -20.83 -24.50 13.81
N THR A 598 -21.05 -23.50 14.65
CA THR A 598 -20.65 -22.14 14.31
C THR A 598 -19.13 -22.02 14.31
N THR A 599 -18.62 -21.16 13.41
CA THR A 599 -17.18 -21.07 13.17
C THR A 599 -16.53 -19.82 13.72
N ASP A 600 -17.31 -18.81 14.11
CA ASP A 600 -16.77 -17.60 14.71
C ASP A 600 -17.26 -17.51 16.15
N TYR A 601 -16.32 -17.42 17.09
CA TYR A 601 -16.67 -17.32 18.49
C TYR A 601 -17.35 -15.99 18.79
N MET A 602 -18.41 -16.05 19.57
CA MET A 602 -19.18 -14.88 19.97
C MET A 602 -19.64 -15.05 21.41
N PRO A 603 -19.18 -14.19 22.34
CA PRO A 603 -19.59 -14.35 23.74
C PRO A 603 -21.01 -13.90 24.04
N HIS A 604 -21.68 -13.22 23.11
CA HIS A 604 -23.06 -12.80 23.28
C HIS A 604 -23.98 -13.76 22.53
N LYS A 605 -25.28 -13.61 22.77
CA LYS A 605 -26.27 -14.54 22.24
C LYS A 605 -27.51 -13.79 21.80
N MET A 606 -28.12 -14.24 20.70
CA MET A 606 -29.37 -13.72 20.22
C MET A 606 -30.34 -14.86 19.98
N ILE A 607 -31.57 -14.72 20.49
CA ILE A 607 -32.60 -15.73 20.29
C ILE A 607 -33.30 -15.48 18.96
N LYS A 614 -32.79 -15.70 14.40
CA LYS A 614 -32.16 -15.39 13.12
C LYS A 614 -30.87 -16.18 12.95
N ASN A 615 -30.45 -16.34 11.69
CA ASN A 615 -29.15 -16.92 11.37
C ASN A 615 -28.06 -15.87 11.25
N LEU A 616 -28.33 -14.65 11.70
CA LEU A 616 -27.37 -13.56 11.59
C LEU A 616 -26.42 -13.60 12.78
N PRO A 617 -25.11 -13.73 12.57
CA PRO A 617 -24.18 -13.76 13.71
C PRO A 617 -23.93 -12.36 14.25
N LEU A 618 -24.03 -12.22 15.57
CA LEU A 618 -23.64 -10.97 16.20
C LEU A 618 -22.17 -10.68 15.93
N GLN A 619 -21.83 -9.40 15.90
CA GLN A 619 -20.45 -8.96 15.76
C GLN A 619 -20.10 -8.00 16.88
N VAL A 620 -18.85 -8.05 17.32
CA VAL A 620 -18.31 -7.12 18.28
C VAL A 620 -17.25 -6.27 17.57
N LYS A 621 -17.45 -4.96 17.59
CA LYS A 621 -16.50 -4.00 17.02
C LYS A 621 -16.32 -2.87 18.02
N ALA A 622 -15.14 -2.78 18.61
CA ALA A 622 -14.84 -1.77 19.62
C ALA A 622 -15.82 -1.99 20.77
N ASN A 623 -16.57 -0.98 21.20
CA ASN A 623 -17.56 -1.12 22.27
C ASN A 623 -18.97 -1.20 21.70
N ARG A 624 -19.13 -1.84 20.54
CA ARG A 624 -20.41 -1.96 19.88
C ARG A 624 -20.77 -3.43 19.71
N VAL A 625 -22.05 -3.75 19.87
CA VAL A 625 -22.60 -5.08 19.64
C VAL A 625 -23.70 -4.92 18.61
N LEU A 626 -23.55 -5.58 17.46
CA LEU A 626 -24.43 -5.36 16.33
C LEU A 626 -24.86 -6.68 15.72
N ILE A 627 -26.01 -6.66 15.05
CA ILE A 627 -26.51 -7.80 14.28
C ILE A 627 -26.04 -7.65 12.85
N SER A 628 -25.58 -8.75 12.26
CA SER A 628 -25.05 -8.70 10.90
C SER A 628 -26.12 -8.17 9.95
N PRO A 629 -25.77 -7.25 9.03
CA PRO A 629 -26.75 -6.73 8.07
C PRO A 629 -27.03 -7.69 6.92
N GLU A 643 -34.06 -11.03 20.60
CA GLU A 643 -33.55 -10.67 21.91
C GLU A 643 -32.05 -10.92 21.98
N ILE A 644 -31.32 -10.02 22.62
CA ILE A 644 -29.86 -10.12 22.77
C ILE A 644 -29.52 -10.26 24.24
N GLU A 645 -28.57 -11.14 24.54
CA GLU A 645 -28.08 -11.34 25.90
C GLU A 645 -26.57 -11.17 25.89
N LEU A 646 -26.07 -10.14 26.58
CA LEU A 646 -24.64 -9.93 26.72
C LEU A 646 -24.07 -10.88 27.77
N ASP A 647 -22.75 -11.08 27.70
CA ASP A 647 -22.08 -11.98 28.64
C ASP A 647 -21.92 -11.37 30.03
N ALA A 648 -22.38 -10.14 30.23
CA ALA A 648 -22.31 -9.47 31.53
C ALA A 648 -23.19 -8.24 31.45
N ILE A 649 -23.17 -7.46 32.53
CA ILE A 649 -23.91 -6.21 32.61
C ILE A 649 -22.94 -5.07 32.31
N TYR A 650 -23.35 -4.15 31.44
CA TYR A 650 -22.53 -3.02 31.06
C TYR A 650 -23.35 -1.74 31.13
N PRO A 651 -22.71 -0.60 31.37
CA PRO A 651 -23.41 0.68 31.21
C PRO A 651 -23.70 0.94 29.74
N GLY A 652 -24.93 1.35 29.45
CA GLY A 652 -25.35 1.58 28.08
C GLY A 652 -25.06 3.00 27.62
N GLU A 653 -24.71 3.11 26.34
CA GLU A 653 -24.52 4.41 25.69
C GLU A 653 -25.70 4.78 24.81
N ASN A 654 -25.95 3.99 23.76
CA ASN A 654 -27.07 4.26 22.86
C ASN A 654 -27.36 3.01 22.05
N ILE A 655 -28.49 3.05 21.33
CA ILE A 655 -28.87 2.02 20.39
C ILE A 655 -29.21 2.70 19.06
N GLN A 656 -28.86 2.05 17.95
CA GLN A 656 -29.09 2.61 16.62
C GLN A 656 -29.67 1.51 15.73
N ILE A 657 -30.98 1.60 15.50
CA ILE A 657 -31.69 0.68 14.62
C ILE A 657 -32.05 1.43 13.34
N ASN A 658 -32.18 0.68 12.24
CA ASN A 658 -32.45 1.28 10.93
C ASN A 658 -33.47 0.40 10.19
N PHE A 659 -34.73 0.79 10.26
CA PHE A 659 -35.80 0.11 9.52
C PHE A 659 -36.40 1.08 8.48
N GLU A 671 -37.01 -1.97 24.03
CA GLU A 671 -37.12 -2.32 25.44
C GLU A 671 -35.83 -2.97 25.94
N ILE A 672 -35.50 -2.75 27.21
CA ILE A 672 -34.21 -3.16 27.77
C ILE A 672 -34.42 -3.70 29.18
N SER A 673 -33.46 -4.51 29.62
CA SER A 673 -33.53 -5.15 30.93
C SER A 673 -32.13 -5.52 31.39
N THR A 674 -32.04 -5.88 32.67
CA THR A 674 -30.78 -6.29 33.28
C THR A 674 -30.76 -7.75 33.74
N ASP A 675 -31.92 -8.35 34.00
CA ASP A 675 -31.99 -9.72 34.49
C ASP A 675 -32.89 -10.62 33.66
N GLY A 676 -33.59 -10.08 32.65
CA GLY A 676 -34.52 -10.85 31.86
C GLY A 676 -35.95 -10.83 32.37
N LYS A 677 -36.15 -10.56 33.66
CA LYS A 677 -37.50 -10.47 34.23
C LYS A 677 -38.05 -9.06 34.04
N GLU A 678 -37.48 -8.09 34.75
CA GLU A 678 -37.97 -6.71 34.72
C GLU A 678 -37.34 -5.96 33.55
N TRP A 679 -38.19 -5.28 32.79
CA TRP A 679 -37.76 -4.49 31.64
C TRP A 679 -38.10 -3.02 31.87
N LYS A 680 -37.48 -2.15 31.06
CA LYS A 680 -37.72 -0.72 31.12
C LYS A 680 -37.73 -0.19 29.69
N THR A 681 -38.93 -0.09 29.11
CA THR A 681 -39.08 0.35 27.74
C THR A 681 -38.40 1.69 27.52
N VAL A 682 -37.93 1.90 26.28
CA VAL A 682 -37.27 3.14 25.89
C VAL A 682 -37.84 3.57 24.54
N ASP A 683 -37.98 4.88 24.35
CA ASP A 683 -38.52 5.44 23.12
C ASP A 683 -37.40 5.83 22.17
N LEU A 684 -37.74 5.91 20.89
CA LEU A 684 -36.79 6.23 19.83
C LEU A 684 -37.14 7.55 19.18
N LYS A 685 -36.18 8.09 18.45
CA LYS A 685 -36.34 9.26 17.60
C LYS A 685 -35.95 8.89 16.18
N GLN A 686 -36.24 9.77 15.22
CA GLN A 686 -36.16 9.37 13.83
C GLN A 686 -35.76 10.54 12.93
N LYS A 687 -35.07 10.19 11.84
CA LYS A 687 -34.87 11.10 10.70
C LYS A 687 -35.25 10.36 9.43
N GLU A 688 -34.28 10.04 8.56
CA GLU A 688 -34.55 9.24 7.36
C GLU A 688 -34.26 7.78 7.69
N SER A 689 -35.20 7.15 8.38
CA SER A 689 -35.10 5.76 8.81
C SER A 689 -33.98 5.54 9.84
N ARG A 690 -33.50 6.61 10.47
CA ARG A 690 -32.43 6.52 11.46
C ARG A 690 -33.06 6.56 12.84
N LEU A 691 -33.26 5.39 13.44
CA LEU A 691 -33.77 5.29 14.80
C LEU A 691 -32.60 5.32 15.79
N SER A 692 -32.84 5.94 16.94
CA SER A 692 -31.79 6.08 17.94
C SER A 692 -32.39 6.52 19.26
N ALA A 693 -31.62 6.29 20.34
CA ALA A 693 -31.99 6.75 21.68
C ALA A 693 -30.84 6.48 22.66
N GLY A 694 -30.61 7.38 23.62
CA GLY A 694 -29.52 7.22 24.57
C GLY A 694 -29.97 6.47 25.81
N LEU A 695 -29.07 5.64 26.34
CA LEU A 695 -29.37 4.84 27.53
C LEU A 695 -28.85 5.48 28.81
N GLN A 696 -27.90 6.40 28.72
CA GLN A 696 -27.48 7.22 29.86
C GLN A 696 -26.88 6.38 30.97
N LYS A 697 -26.06 5.40 30.60
CA LYS A 697 -25.28 4.58 31.53
C LYS A 697 -26.13 3.60 32.33
N ALA A 698 -27.38 3.42 31.96
CA ALA A 698 -28.21 2.44 32.65
C ALA A 698 -27.62 1.05 32.48
N PRO A 699 -27.62 0.21 33.52
CA PRO A 699 -27.15 -1.17 33.35
C PRO A 699 -27.99 -1.90 32.31
N VAL A 700 -27.33 -2.63 31.43
CA VAL A 700 -28.00 -3.37 30.37
C VAL A 700 -27.31 -4.72 30.18
N LYS A 701 -28.10 -5.78 30.09
CA LYS A 701 -27.61 -7.09 29.70
C LYS A 701 -28.51 -7.71 28.64
N PHE A 702 -29.79 -7.33 28.63
CA PHE A 702 -30.77 -7.87 27.70
C PHE A 702 -31.37 -6.74 26.86
N VAL A 703 -31.67 -7.05 25.60
CA VAL A 703 -32.32 -6.14 24.68
C VAL A 703 -33.32 -6.94 23.86
N ARG A 704 -34.46 -6.32 23.54
CA ARG A 704 -35.54 -7.01 22.86
C ARG A 704 -36.31 -6.02 21.99
N PHE A 705 -37.15 -6.57 21.10
CA PHE A 705 -37.89 -5.74 20.17
C PHE A 705 -38.88 -6.60 19.40
N THR A 706 -40.09 -6.08 19.19
CA THR A 706 -41.09 -6.72 18.34
C THR A 706 -42.19 -5.71 18.03
N ASN A 707 -42.82 -5.87 16.87
CA ASN A 707 -43.90 -5.00 16.44
C ASN A 707 -45.20 -5.78 16.26
N GLN A 719 -27.50 -0.13 11.30
CA GLN A 719 -28.50 -1.14 11.02
C GLN A 719 -29.19 -1.59 12.32
N PHE A 720 -28.44 -2.27 13.18
CA PHE A 720 -28.92 -2.62 14.52
C PHE A 720 -27.69 -2.77 15.40
N VAL A 721 -27.41 -1.75 16.21
CA VAL A 721 -26.17 -1.67 16.98
C VAL A 721 -26.48 -1.26 18.41
N LEU A 722 -25.68 -1.79 19.34
CA LEU A 722 -25.75 -1.42 20.75
C LEU A 722 -24.36 -0.96 21.20
N THR A 723 -24.26 0.28 21.65
CA THR A 723 -23.02 0.84 22.14
C THR A 723 -23.01 0.80 23.67
N ILE A 724 -21.93 0.28 24.24
CA ILE A 724 -21.79 0.14 25.69
C ILE A 724 -20.47 0.78 26.10
N GLU A 725 -20.30 0.96 27.40
CA GLU A 725 -19.13 1.66 27.95
C GLU A 725 -18.01 0.66 28.21
N LYS A 726 -16.82 0.99 27.72
CA LYS A 726 -15.62 0.20 27.98
C LYS A 726 -14.40 1.09 28.12
CAH OAN B . -7.73 10.83 -4.71
CAG OAN B . -7.94 9.88 -3.55
OAN OAN B . -7.72 8.68 -3.63
NAI OAN B . -8.41 10.48 -2.37
CAB OAN B . -8.63 9.64 -1.20
CAC OAN B . -7.30 9.04 -0.70
OAJ OAN B . -6.85 9.93 0.26
CAD OAN B . -7.61 7.64 -0.09
OAK OAN B . -6.42 7.21 0.48
CAE OAN B . -8.02 6.72 -1.27
CAF OAN B . -8.43 5.34 -0.70
OAM OAN B . -9.56 5.52 0.08
OAL OAN B . -9.15 7.26 -1.91
CAA OAN B . -9.57 8.49 -1.50
NAY OAN B . -10.83 8.81 -1.57
OAQ OAN B . -11.63 7.84 -1.98
CAP OAN B . -12.79 7.91 -1.28
OAR OAN B . -13.09 7.06 -0.42
NAO OAN B . -13.52 9.01 -1.67
CAS OAN B . -14.69 9.32 -0.95
CAT OAN B . -15.51 8.26 -0.53
CAU OAN B . -16.67 8.58 0.15
CAV OAN B . -16.99 9.91 0.39
CAW OAN B . -16.17 10.94 -0.05
CAX OAN B . -14.99 10.64 -0.73
HAH1 OAN B . -7.00 10.54 -5.27
HAH2 OAN B . -7.56 11.75 -4.45
HAH3 OAN B . -8.54 10.83 -5.26
HAI OAN B . -8.56 11.32 -2.32
HAB OAN B . -9.07 10.17 -0.51
HAC OAN B . -6.70 8.95 -1.46
HAJ OAN B . -6.05 10.11 0.08
HAD OAN B . -8.34 7.73 0.55
HAK OAN B . -6.58 7.00 1.28
HAE OAN B . -7.28 6.63 -1.90
HAF1 OAN B . -7.68 5.00 -0.19
HAF2 OAN B . -8.55 4.72 -1.44
HAM OAN B . -9.96 4.77 0.13
HAO OAN B . -13.26 9.50 -2.32
HAT OAN B . -15.30 7.37 -0.68
HAU OAN B . -17.22 7.89 0.44
HAV OAN B . -17.78 10.11 0.86
HAW OAN B . -16.38 11.82 0.11
HAX OAN B . -14.43 11.31 -1.03
C01 7NT C . -12.58 5.08 10.82
C02 7NT C . -12.47 6.54 10.46
C03 7NT C . -12.60 6.70 8.92
O04 7NT C . -13.41 6.10 8.35
N05 7NT C . -11.71 7.55 8.22
C06 7NT C . -11.77 7.75 6.79
N07 7NT C . -12.43 8.90 6.32
C08 7NT C . -12.53 9.15 5.01
N09 7NT C . -13.21 10.39 4.49
C10 7NT C . -14.30 10.30 3.49
C11 7NT C . -14.35 11.68 2.75
O12 7NT C . -14.66 12.73 3.62
C13 7NT C . -13.81 12.80 4.72
C14 7NT C . -13.68 11.43 5.47
C15 7NT C . -11.97 8.26 4.04
C16 7NT C . -11.88 8.20 2.58
C17 7NT C . -11.28 7.21 2.03
S18 7NT C . -10.68 6.11 3.23
C19 7NT C . -11.31 7.11 4.58
N20 7NT C . -11.21 6.84 5.92
H021 7NT C . -11.70 6.88 10.86
H022 7NT C . -13.20 6.96 10.87
H051 7NT C . -11.10 7.99 8.66
H101 7NT C . -15.16 10.13 3.83
H102 7NT C . -14.11 9.63 2.85
H111 7NT C . -15.01 11.66 2.08
H112 7NT C . -13.57 11.85 2.26
H131 7NT C . -14.17 13.45 5.30
H132 7NT C . -12.98 13.17 4.49
H141 7NT C . -13.05 11.53 6.16
H142 7NT C . -14.51 11.24 5.87
H161 7NT C . -12.28 8.93 2.16
H171 7NT C . -11.15 7.02 1.13
CA CA D . 29.04 17.29 -14.40
#